data_4O2D
#
_entry.id   4O2D
#
_cell.length_a   77.400
_cell.length_b   135.170
_cell.length_c   157.050
_cell.angle_alpha   90.00
_cell.angle_beta   90.00
_cell.angle_gamma   90.00
#
_symmetry.space_group_name_H-M   'P 21 21 21'
#
loop_
_entity.id
_entity.type
_entity.pdbx_description
1 polymer 'Aspartate--tRNA ligase'
2 non-polymer 'ASPARTIC ACID'
3 non-polymer 2-AMINO-2-HYDROXYMETHYL-PROPANE-1,3-DIOL
4 water water
#
_entity_poly.entity_id   1
_entity_poly.type   'polypeptide(L)'
_entity_poly.pdbx_seq_one_letter_code
;MAHHHHHHMGTLEAQTQGPGSMVLRTHAAGSLRPADAGQTVTLAGWVARRRDHGGVIFIDLRDASGVSQVVFREGDVLAA
AHRLRAEFCVAVTGVVEVRPEGNENPEIPTGQIEVNATELTVLGESAPLPFQLDEQAGEEARLKYRYLDLRREGPGNALR
LRSKVNAAARSVLAEHDFVEIETPTLTRSTPEGARDFLVPARLQPGSFYALPQSPQLFKQLLMVAGMERYYQIARCYRDE
DFRADRQPEFTQLDMEMSFVEADDVIAISEQVLKAVWATIGYDLPLPLPRISYEEAMRRFGSDKPDLRFGIELVECTEYF
KDTTFRVFQAPYVGAVVMPGGASQPRRTLDGWQEFAKQRGHKGLAYVLVGEDGTLGGPVAKNLSDAERDGLVAHVGANPG
DCIFFAAGPAKGARALLGATRIEIAKRLDLIDPNAWAFTWVVDFPMFEAADEATAAGDVAVGSGAWTAMHHAFTAPKPDS
VDTFDSDPGNALSDAYDIVCNGNEIGGGSIRIHRRDIQERVFAMMGIDHDEAQEKFGFLLDAFSYGAPPHGGIAFGWDRI
TALLAGVDSIREVIAFPKSGGGVDPLTDAPAPITPQQRKESGIDAKPREDKPKEDAKSKA
;
_entity_poly.pdbx_strand_id   A,B
#
# COMPACT_ATOMS: atom_id res chain seq x y z
N VAL A 23 -0.59 14.13 34.42
CA VAL A 23 -1.36 14.81 33.33
C VAL A 23 -0.34 15.55 32.43
N LEU A 24 -0.03 14.97 31.26
CA LEU A 24 0.97 15.54 30.39
C LEU A 24 0.37 16.65 29.54
N ARG A 25 -0.94 16.67 29.35
CA ARG A 25 -1.52 17.64 28.45
C ARG A 25 -2.99 17.85 28.73
N THR A 26 -3.38 19.10 28.70
CA THR A 26 -4.69 19.53 29.12
C THR A 26 -5.36 20.38 28.05
N HIS A 27 -4.55 20.85 27.11
CA HIS A 27 -4.96 21.77 26.10
C HIS A 27 -3.95 21.73 24.97
N ALA A 28 -4.45 21.98 23.78
CA ALA A 28 -3.60 22.04 22.62
C ALA A 28 -2.99 23.46 22.56
N ALA A 29 -1.77 23.55 22.08
CA ALA A 29 -1.05 24.81 22.10
C ALA A 29 -1.56 25.84 21.09
N GLY A 30 -2.07 25.37 19.95
CA GLY A 30 -2.44 26.26 18.85
C GLY A 30 -3.74 27.00 19.04
N SER A 31 -4.56 26.57 19.99
CA SER A 31 -5.90 27.10 20.15
C SER A 31 -6.09 28.13 21.25
N LEU A 32 -5.07 28.45 22.04
CA LEU A 32 -5.24 29.48 23.07
C LEU A 32 -5.49 30.86 22.47
N ARG A 33 -6.30 31.64 23.18
CA ARG A 33 -6.77 32.95 22.70
C ARG A 33 -6.97 33.82 23.91
N PRO A 34 -7.10 35.13 23.73
CA PRO A 34 -7.35 36.02 24.86
C PRO A 34 -8.49 35.58 25.77
N ALA A 35 -9.57 35.06 25.19
CA ALA A 35 -10.72 34.61 25.99
C ALA A 35 -10.37 33.54 27.06
N ASP A 36 -9.21 32.90 26.91
CA ASP A 36 -8.72 31.88 27.79
C ASP A 36 -7.91 32.44 28.94
N ALA A 37 -7.78 33.76 29.03
CA ALA A 37 -6.99 34.42 30.08
C ALA A 37 -7.42 34.00 31.47
N GLY A 38 -6.49 33.58 32.30
CA GLY A 38 -6.81 33.23 33.68
C GLY A 38 -6.90 31.73 33.90
N GLN A 39 -7.07 30.99 32.81
CA GLN A 39 -7.10 29.57 32.89
C GLN A 39 -5.71 28.98 33.13
N THR A 40 -5.67 27.87 33.85
CA THR A 40 -4.46 27.11 34.04
C THR A 40 -4.46 26.04 32.98
N VAL A 41 -3.36 25.88 32.26
CA VAL A 41 -3.32 24.86 31.22
C VAL A 41 -2.03 24.11 31.36
N THR A 42 -1.99 22.92 30.77
CA THR A 42 -0.76 22.15 30.67
C THR A 42 -0.56 21.87 29.20
N LEU A 43 0.55 22.33 28.65
CA LEU A 43 0.94 22.02 27.29
C LEU A 43 2.07 21.04 27.27
N ALA A 44 2.13 20.25 26.21
CA ALA A 44 3.18 19.30 26.04
C ALA A 44 3.55 19.40 24.61
N GLY A 45 4.83 19.49 24.31
CA GLY A 45 5.27 19.53 22.92
C GLY A 45 6.75 19.80 22.89
N TRP A 46 7.21 20.59 21.94
CA TRP A 46 8.62 20.80 21.78
C TRP A 46 9.02 22.27 21.81
N VAL A 47 10.25 22.51 22.20
CA VAL A 47 10.77 23.85 22.28
C VAL A 47 11.21 24.23 20.88
N ALA A 48 10.39 25.00 20.20
CA ALA A 48 10.71 25.43 18.85
C ALA A 48 11.83 26.43 18.86
N ARG A 49 11.70 27.46 19.70
CA ARG A 49 12.72 28.54 19.85
C ARG A 49 12.81 28.90 21.33
N ARG A 50 13.98 29.43 21.71
CA ARG A 50 14.16 30.07 23.01
C ARG A 50 14.84 31.41 22.88
N ARG A 51 14.31 32.41 23.58
CA ARG A 51 14.90 33.73 23.55
C ARG A 51 14.85 34.30 24.98
N ASP A 52 15.92 35.00 25.41
CA ASP A 52 16.05 35.61 26.75
C ASP A 52 16.09 37.15 26.70
N HIS A 53 15.17 37.80 27.44
CA HIS A 53 15.09 39.25 27.55
C HIS A 53 14.72 39.56 29.00
N GLY A 54 15.24 40.66 29.55
CA GLY A 54 14.98 40.99 30.97
C GLY A 54 15.68 39.87 31.73
N GLY A 55 15.15 39.47 32.88
CA GLY A 55 15.70 38.26 33.51
C GLY A 55 14.94 37.00 33.12
N VAL A 56 14.25 37.02 31.99
CA VAL A 56 13.25 36.00 31.77
C VAL A 56 13.48 35.23 30.47
N ILE A 57 12.92 34.04 30.45
CA ILE A 57 13.10 33.08 29.39
C ILE A 57 11.76 32.88 28.66
N PHE A 58 11.77 33.12 27.36
CA PHE A 58 10.62 32.91 26.49
C PHE A 58 10.86 31.71 25.57
N ILE A 59 9.90 30.80 25.45
CA ILE A 59 9.98 29.75 24.42
C ILE A 59 8.73 29.73 23.58
N ASP A 60 8.86 29.24 22.38
CA ASP A 60 7.71 28.89 21.58
C ASP A 60 7.53 27.39 21.75
N LEU A 61 6.42 26.97 22.31
CA LEU A 61 6.13 25.56 22.47
C LEU A 61 5.23 25.09 21.37
N ARG A 62 5.70 24.11 20.65
CA ARG A 62 5.02 23.61 19.46
C ARG A 62 4.47 22.23 19.70
N ASP A 63 3.21 22.01 19.30
CA ASP A 63 2.65 20.69 19.13
C ASP A 63 1.95 20.60 17.75
N ALA A 64 1.29 19.49 17.44
CA ALA A 64 0.70 19.31 16.10
C ALA A 64 -0.35 20.35 15.70
N SER A 65 -0.94 21.02 16.68
CA SER A 65 -2.01 22.00 16.50
C SER A 65 -1.51 23.43 16.43
N GLY A 66 -0.23 23.64 16.68
CA GLY A 66 0.39 24.98 16.52
C GLY A 66 1.35 25.37 17.64
N VAL A 67 1.42 26.66 17.94
CA VAL A 67 2.44 27.21 18.82
C VAL A 67 1.84 28.22 19.79
N SER A 68 2.26 28.12 21.04
CA SER A 68 2.02 29.19 22.02
C SER A 68 3.30 29.61 22.73
N GLN A 69 3.45 30.90 22.94
CA GLN A 69 4.58 31.38 23.69
C GLN A 69 4.43 30.99 25.14
N VAL A 70 5.50 30.52 25.75
CA VAL A 70 5.52 30.26 27.18
C VAL A 70 6.65 31.13 27.81
N VAL A 71 6.38 31.69 28.97
CA VAL A 71 7.34 32.56 29.62
C VAL A 71 7.62 32.06 31.05
N PHE A 72 8.90 32.14 31.44
CA PHE A 72 9.36 31.69 32.77
C PHE A 72 9.94 32.89 33.50
N ARG A 73 9.25 33.35 34.52
CA ARG A 73 9.54 34.64 35.13
C ARG A 73 10.26 34.61 36.47
N GLU A 74 9.99 33.61 37.31
CA GLU A 74 10.57 33.60 38.67
C GLU A 74 10.81 32.20 39.21
N GLY A 75 11.57 32.17 40.29
CA GLY A 75 11.72 30.99 41.11
C GLY A 75 12.41 29.82 40.45
N ASP A 76 12.00 28.62 40.86
CA ASP A 76 12.68 27.39 40.49
C ASP A 76 12.38 27.08 39.02
N VAL A 77 11.19 27.43 38.53
CA VAL A 77 10.86 27.18 37.12
C VAL A 77 11.77 28.04 36.16
N LEU A 78 12.17 29.24 36.57
CA LEU A 78 13.12 30.05 35.77
C LEU A 78 14.49 29.40 35.73
N ALA A 79 14.96 28.96 36.89
CA ALA A 79 16.23 28.26 36.93
C ALA A 79 16.17 27.01 36.04
N ALA A 80 15.06 26.28 36.07
CA ALA A 80 14.97 25.06 35.26
C ALA A 80 14.92 25.40 33.78
N ALA A 81 14.30 26.51 33.45
CA ALA A 81 14.16 26.88 32.05
C ALA A 81 15.51 27.16 31.39
N HIS A 82 16.54 27.43 32.19
CA HIS A 82 17.87 27.63 31.64
C HIS A 82 18.40 26.41 30.92
N ARG A 83 17.93 25.21 31.27
CA ARG A 83 18.34 24.01 30.53
C ARG A 83 17.73 23.89 29.14
N LEU A 84 16.63 24.60 28.88
CA LEU A 84 15.90 24.42 27.62
C LEU A 84 16.61 24.92 26.39
N ARG A 85 16.58 24.08 25.36
CA ARG A 85 17.19 24.35 24.08
C ARG A 85 16.28 23.80 23.00
N ALA A 86 16.58 24.13 21.76
CA ALA A 86 15.75 23.72 20.66
C ALA A 86 15.50 22.19 20.65
N GLU A 87 14.24 21.89 20.45
CA GLU A 87 13.76 20.54 20.34
C GLU A 87 13.81 19.70 21.62
N PHE A 88 14.00 20.34 22.76
CA PHE A 88 13.68 19.68 24.03
C PHE A 88 12.21 19.41 23.97
N CYS A 89 11.82 18.30 24.59
CA CYS A 89 10.43 17.90 24.68
C CYS A 89 10.01 18.08 26.11
N VAL A 90 8.91 18.80 26.31
CA VAL A 90 8.59 19.32 27.63
C VAL A 90 7.11 19.36 27.85
N ALA A 91 6.74 19.34 29.11
CA ALA A 91 5.38 19.61 29.55
C ALA A 91 5.49 20.82 30.44
N VAL A 92 4.61 21.78 30.24
CA VAL A 92 4.62 22.99 31.01
C VAL A 92 3.22 23.32 31.49
N THR A 93 3.04 23.53 32.78
CA THR A 93 1.77 23.98 33.30
C THR A 93 1.90 25.44 33.64
N GLY A 94 0.85 26.21 33.40
CA GLY A 94 0.89 27.66 33.67
C GLY A 94 -0.43 28.37 33.43
N VAL A 95 -0.46 29.69 33.66
CA VAL A 95 -1.66 30.51 33.56
C VAL A 95 -1.64 31.30 32.27
N VAL A 96 -2.70 31.27 31.51
CA VAL A 96 -2.76 32.01 30.27
C VAL A 96 -2.91 33.49 30.53
N GLU A 97 -2.15 34.28 29.80
CA GLU A 97 -2.22 35.74 29.96
C GLU A 97 -2.19 36.44 28.62
N VAL A 98 -2.82 37.61 28.60
CA VAL A 98 -2.65 38.50 27.49
C VAL A 98 -1.24 39.05 27.56
N ARG A 99 -0.56 39.09 26.40
CA ARG A 99 0.83 39.59 26.37
C ARG A 99 0.86 41.10 26.58
N PRO A 100 1.97 41.63 27.13
CA PRO A 100 2.07 43.11 27.30
C PRO A 100 1.92 43.88 26.00
N GLU A 101 1.47 45.14 26.08
CA GLU A 101 1.34 46.00 24.88
C GLU A 101 2.72 46.01 24.18
N GLY A 102 2.75 45.61 22.90
CA GLY A 102 3.98 45.62 22.07
C GLY A 102 4.86 44.37 22.06
N ASN A 103 4.43 43.32 22.76
CA ASN A 103 4.94 41.97 22.51
C ASN A 103 3.93 41.12 21.69
N GLU A 104 2.72 41.65 21.44
CA GLU A 104 1.73 40.95 20.59
C GLU A 104 2.42 40.50 19.29
N ASN A 105 2.20 39.25 18.89
CA ASN A 105 2.69 38.76 17.58
C ASN A 105 1.50 38.57 16.62
N PRO A 106 1.26 39.55 15.74
CA PRO A 106 0.00 39.43 14.99
C PRO A 106 0.03 38.34 13.91
N GLU A 107 1.20 37.78 13.61
CA GLU A 107 1.32 36.75 12.56
C GLU A 107 0.87 35.32 12.97
N ILE A 108 0.61 35.05 14.24
CA ILE A 108 0.18 33.70 14.66
C ILE A 108 -1.12 33.74 15.47
N PRO A 109 -1.92 32.66 15.41
CA PRO A 109 -3.26 32.72 16.06
C PRO A 109 -3.26 32.87 17.59
N THR A 110 -2.23 32.35 18.27
CA THR A 110 -2.08 32.55 19.71
C THR A 110 -1.26 33.79 20.03
N GLY A 111 -1.05 34.62 19.02
CA GLY A 111 -0.11 35.72 19.12
C GLY A 111 -0.41 36.76 20.16
N GLN A 112 -1.62 36.78 20.68
CA GLN A 112 -1.98 37.79 21.64
C GLN A 112 -1.77 37.33 23.06
N ILE A 113 -1.44 36.06 23.24
CA ILE A 113 -1.35 35.51 24.59
C ILE A 113 -0.05 34.79 24.78
N GLU A 114 0.23 34.48 26.03
CA GLU A 114 1.33 33.60 26.42
C GLU A 114 0.93 32.81 27.64
N VAL A 115 1.66 31.74 27.90
CA VAL A 115 1.47 30.99 29.13
C VAL A 115 2.55 31.37 30.11
N ASN A 116 2.16 31.97 31.22
CA ASN A 116 3.07 32.24 32.33
C ASN A 116 3.26 30.95 33.12
N ALA A 117 4.45 30.35 33.03
CA ALA A 117 4.68 29.02 33.55
C ALA A 117 4.77 28.92 35.05
N THR A 118 4.09 27.91 35.58
CA THR A 118 4.13 27.55 37.00
C THR A 118 5.05 26.33 37.29
N GLU A 119 5.04 25.36 36.40
CA GLU A 119 5.79 24.10 36.57
C GLU A 119 6.38 23.69 35.20
N LEU A 120 7.55 23.06 35.22
CA LEU A 120 8.18 22.60 34.00
C LEU A 120 8.72 21.19 34.18
N THR A 121 8.50 20.31 33.22
CA THR A 121 9.01 18.95 33.27
C THR A 121 9.65 18.66 31.92
N VAL A 122 10.90 18.22 31.95
CA VAL A 122 11.62 17.89 30.74
C VAL A 122 11.39 16.41 30.44
N LEU A 123 10.62 16.12 29.41
CA LEU A 123 10.26 14.77 29.11
C LEU A 123 11.35 14.12 28.32
N GLY A 124 12.02 14.94 27.50
CA GLY A 124 13.20 14.44 26.77
C GLY A 124 14.13 15.54 26.29
N GLU A 125 15.42 15.42 26.61
CA GLU A 125 16.39 16.40 26.19
C GLU A 125 16.68 16.25 24.74
N SER A 126 17.18 17.32 24.14
CA SER A 126 17.70 17.22 22.80
C SER A 126 19.10 17.72 22.77
N ALA A 127 19.98 16.92 22.20
CA ALA A 127 21.32 17.34 21.87
C ALA A 127 21.27 18.46 20.80
N PRO A 128 22.41 19.12 20.56
CA PRO A 128 22.45 20.03 19.45
C PRO A 128 22.16 19.32 18.14
N LEU A 129 21.45 20.01 17.27
CA LEU A 129 20.89 19.32 16.12
C LEU A 129 21.88 19.24 14.99
N PRO A 130 21.86 18.17 14.24
CA PRO A 130 22.61 18.13 13.01
C PRO A 130 22.20 19.26 12.03
N PHE A 131 20.94 19.67 12.02
CA PHE A 131 20.51 20.85 11.32
C PHE A 131 19.31 21.44 12.03
N GLN A 132 19.20 22.77 11.98
CA GLN A 132 18.07 23.48 12.58
C GLN A 132 16.86 23.27 11.67
N LEU A 133 15.67 23.43 12.24
CA LEU A 133 14.47 23.15 11.50
C LEU A 133 14.19 24.17 10.39
N ASP A 134 14.76 25.36 10.46
CA ASP A 134 14.53 26.34 9.42
C ASP A 134 15.55 26.27 8.27
N GLU A 135 16.55 25.39 8.36
CA GLU A 135 17.41 25.08 7.21
C GLU A 135 16.84 23.85 6.51
N GLN A 136 17.17 23.72 5.23
CA GLN A 136 17.09 22.43 4.55
C GLN A 136 18.54 22.04 4.29
N ALA A 137 18.83 20.80 4.63
CA ALA A 137 20.17 20.28 4.62
C ALA A 137 20.29 19.40 3.41
N GLY A 138 21.45 18.76 3.26
CA GLY A 138 21.64 17.76 2.24
C GLY A 138 20.65 16.61 2.38
N GLU A 139 20.31 16.03 1.24
CA GLU A 139 19.47 14.85 1.17
C GLU A 139 19.92 13.77 2.16
N GLU A 140 21.23 13.52 2.27
CA GLU A 140 21.73 12.40 3.07
C GLU A 140 21.49 12.65 4.54
N ALA A 141 21.74 13.87 4.97
CA ALA A 141 21.44 14.25 6.34
C ALA A 141 19.93 14.25 6.59
N ARG A 142 19.12 14.71 5.65
CA ARG A 142 17.70 14.77 5.92
C ARG A 142 17.15 13.33 6.01
N LEU A 143 17.68 12.41 5.21
CA LEU A 143 17.21 11.03 5.34
C LEU A 143 17.74 10.37 6.59
N LYS A 144 19.00 10.60 6.88
CA LYS A 144 19.59 10.04 8.08
C LYS A 144 18.82 10.43 9.30
N TYR A 145 18.43 11.71 9.38
CA TYR A 145 17.63 12.25 10.49
C TYR A 145 16.23 12.61 10.02
N ARG A 146 15.66 11.72 9.24
CA ARG A 146 14.32 11.91 8.72
C ARG A 146 13.30 12.22 9.80
N TYR A 147 13.47 11.64 10.97
CA TYR A 147 12.58 11.95 12.09
C TYR A 147 12.70 13.44 12.53
N LEU A 148 13.83 14.11 12.36
CA LEU A 148 13.85 15.54 12.62
C LEU A 148 13.31 16.34 11.43
N ASP A 149 13.64 15.89 10.22
CA ASP A 149 13.13 16.52 9.00
C ASP A 149 11.62 16.64 9.04
N LEU A 150 10.96 15.55 9.44
CA LEU A 150 9.48 15.51 9.51
C LEU A 150 8.88 16.43 10.54
N ARG A 151 9.67 16.95 11.44
CA ARG A 151 9.14 18.04 12.30
C ARG A 151 9.01 19.38 11.56
N ARG A 152 9.62 19.52 10.39
CA ARG A 152 9.51 20.79 9.68
C ARG A 152 8.16 20.86 9.01
N GLU A 153 7.60 22.05 8.88
CA GLU A 153 6.25 22.22 8.39
C GLU A 153 6.00 21.51 7.04
N GLY A 154 6.89 21.74 6.08
CA GLY A 154 6.73 21.25 4.72
C GLY A 154 6.63 19.75 4.63
N PRO A 155 7.64 19.03 5.16
CA PRO A 155 7.62 17.58 5.12
C PRO A 155 6.46 16.97 5.88
N GLY A 156 6.18 17.43 7.08
CA GLY A 156 5.12 16.87 7.87
C GLY A 156 3.74 17.07 7.22
N ASN A 157 3.51 18.24 6.65
CA ASN A 157 2.26 18.46 5.92
C ASN A 157 2.14 17.57 4.67
N ALA A 158 3.28 17.18 4.11
CA ALA A 158 3.28 16.29 2.99
C ALA A 158 2.68 14.98 3.41
N LEU A 159 3.10 14.44 4.55
CA LEU A 159 2.55 13.19 5.04
C LEU A 159 1.08 13.33 5.42
N ARG A 160 0.68 14.45 5.97
CA ARG A 160 -0.70 14.62 6.37
C ARG A 160 -1.57 14.63 5.15
N LEU A 161 -1.06 15.28 4.10
CA LEU A 161 -1.79 15.40 2.83
C LEU A 161 -2.00 14.05 2.20
N ARG A 162 -0.96 13.26 2.26
CA ARG A 162 -0.96 11.96 1.60
C ARG A 162 -2.06 11.12 2.19
N SER A 163 -2.24 11.22 3.51
CA SER A 163 -3.29 10.47 4.18
C SER A 163 -4.65 10.91 3.67
N LYS A 164 -4.80 12.21 3.45
CA LYS A 164 -6.05 12.78 2.94
C LYS A 164 -6.30 12.33 1.49
N VAL A 165 -5.23 12.22 0.73
CA VAL A 165 -5.32 11.76 -0.63
C VAL A 165 -5.74 10.28 -0.67
N ASN A 166 -5.20 9.47 0.24
CA ASN A 166 -5.65 8.11 0.30
C ASN A 166 -7.17 8.07 0.60
N ALA A 167 -7.63 8.86 1.57
CA ALA A 167 -9.06 8.86 1.91
C ALA A 167 -9.97 9.30 0.74
N ALA A 168 -9.53 10.30 -0.03
CA ALA A 168 -10.34 10.84 -1.11
C ALA A 168 -10.55 9.79 -2.20
N ALA A 169 -9.50 9.04 -2.49
CA ALA A 169 -9.61 7.93 -3.39
C ALA A 169 -10.54 6.83 -2.83
N ARG A 170 -10.36 6.44 -1.59
CA ARG A 170 -11.18 5.36 -1.03
C ARG A 170 -12.65 5.74 -1.00
N SER A 171 -12.94 7.02 -0.79
CA SER A 171 -14.30 7.46 -0.65
C SER A 171 -15.08 7.37 -1.97
N VAL A 172 -14.43 7.71 -3.09
CA VAL A 172 -15.02 7.62 -4.40
C VAL A 172 -15.19 6.17 -4.78
N LEU A 173 -14.19 5.35 -4.48
CA LEU A 173 -14.24 3.95 -4.86
C LEU A 173 -15.33 3.17 -4.09
N ALA A 174 -15.39 3.37 -2.79
CA ALA A 174 -16.43 2.80 -1.95
C ALA A 174 -17.85 3.21 -2.43
N GLU A 175 -18.02 4.48 -2.74
CA GLU A 175 -19.28 4.98 -3.28
C GLU A 175 -19.72 4.30 -4.59
N HIS A 176 -18.75 3.81 -5.35
CA HIS A 176 -19.01 3.15 -6.62
C HIS A 176 -18.87 1.64 -6.46
N ASP A 177 -19.02 1.16 -5.22
CA ASP A 177 -19.09 -0.26 -4.91
C ASP A 177 -17.86 -1.09 -5.20
N PHE A 178 -16.67 -0.52 -5.02
CA PHE A 178 -15.45 -1.29 -5.15
C PHE A 178 -15.15 -1.88 -3.81
N VAL A 179 -14.53 -3.05 -3.80
CA VAL A 179 -14.22 -3.77 -2.57
C VAL A 179 -12.74 -3.66 -2.38
N GLU A 180 -12.28 -3.30 -1.20
CA GLU A 180 -10.81 -3.21 -1.01
C GLU A 180 -10.32 -4.60 -0.72
N ILE A 181 -9.29 -5.06 -1.41
CA ILE A 181 -8.79 -6.43 -1.25
C ILE A 181 -7.26 -6.50 -1.25
N GLU A 182 -6.72 -7.11 -0.21
CA GLU A 182 -5.30 -7.22 -0.03
C GLU A 182 -4.81 -8.49 -0.74
N THR A 183 -3.75 -8.34 -1.52
CA THR A 183 -3.16 -9.44 -2.27
C THR A 183 -1.77 -9.80 -1.73
N PRO A 184 -1.29 -10.99 -2.02
CA PRO A 184 -0.04 -11.47 -1.46
C PRO A 184 1.19 -10.70 -1.91
N THR A 185 2.22 -10.73 -1.07
CA THR A 185 3.54 -10.27 -1.45
C THR A 185 4.59 -11.34 -1.45
N LEU A 186 4.33 -12.50 -0.86
CA LEU A 186 5.23 -13.62 -1.04
C LEU A 186 4.63 -14.53 -2.06
N THR A 187 5.03 -14.39 -3.31
CA THR A 187 4.36 -15.08 -4.40
C THR A 187 5.30 -15.50 -5.49
N ARG A 188 4.75 -15.72 -6.68
CA ARG A 188 5.50 -15.86 -7.92
C ARG A 188 5.65 -14.51 -8.66
N SER A 189 6.65 -14.44 -9.53
CA SER A 189 6.92 -13.26 -10.39
C SER A 189 5.80 -12.82 -11.35
N THR A 190 5.43 -11.52 -11.31
CA THR A 190 4.73 -10.85 -12.47
C THR A 190 5.64 -9.86 -13.24
N PRO A 191 5.68 -9.95 -14.59
CA PRO A 191 6.61 -9.09 -15.35
C PRO A 191 6.00 -7.70 -15.65
N GLU A 192 6.55 -6.67 -15.01
CA GLU A 192 6.21 -5.26 -15.23
C GLU A 192 7.43 -4.51 -15.81
N GLY A 193 8.36 -5.24 -16.41
CA GLY A 193 9.57 -4.64 -16.99
C GLY A 193 10.81 -4.48 -16.07
N ALA A 194 10.77 -5.02 -14.86
CA ALA A 194 11.93 -4.93 -13.98
C ALA A 194 12.39 -6.31 -13.55
N ARG A 195 13.42 -6.36 -12.71
CA ARG A 195 13.82 -7.58 -12.01
C ARG A 195 13.04 -7.77 -10.72
N ASP A 196 12.98 -9.01 -10.27
CA ASP A 196 12.28 -9.33 -9.05
C ASP A 196 13.19 -9.25 -7.84
N PHE A 197 12.64 -8.79 -6.73
CA PHE A 197 13.30 -8.96 -5.45
C PHE A 197 12.90 -10.33 -4.94
N LEU A 198 13.87 -11.13 -4.49
CA LEU A 198 13.65 -12.51 -4.09
C LEU A 198 13.72 -12.74 -2.57
N VAL A 199 13.09 -13.82 -2.10
CA VAL A 199 13.10 -14.17 -0.71
C VAL A 199 13.32 -15.64 -0.58
N PRO A 200 14.48 -16.04 -0.08
CA PRO A 200 14.69 -17.46 0.13
C PRO A 200 13.73 -18.05 1.16
N ALA A 201 13.28 -19.27 0.88
CA ALA A 201 12.34 -20.01 1.71
C ALA A 201 13.09 -21.03 2.50
N ARG A 202 13.15 -20.81 3.80
CA ARG A 202 13.89 -21.66 4.72
C ARG A 202 13.45 -23.12 4.67
N LEU A 203 12.15 -23.34 4.55
CA LEU A 203 11.56 -24.68 4.59
C LEU A 203 11.62 -25.38 3.24
N GLN A 204 11.90 -24.66 2.18
CA GLN A 204 12.16 -25.28 0.89
C GLN A 204 13.55 -24.90 0.37
N PRO A 205 14.58 -25.50 0.93
CA PRO A 205 15.92 -25.10 0.50
C PRO A 205 16.08 -25.06 -1.02
N GLY A 206 16.58 -23.93 -1.50
CA GLY A 206 16.89 -23.72 -2.91
C GLY A 206 15.78 -22.99 -3.65
N SER A 207 14.67 -22.72 -2.96
CA SER A 207 13.52 -22.12 -3.59
C SER A 207 13.29 -20.72 -3.00
N PHE A 208 12.54 -19.89 -3.74
CA PHE A 208 12.38 -18.48 -3.45
C PHE A 208 10.97 -18.04 -3.73
N TYR A 209 10.51 -17.12 -2.93
CA TYR A 209 9.38 -16.29 -3.26
C TYR A 209 9.91 -15.08 -4.07
N ALA A 210 9.00 -14.43 -4.80
CA ALA A 210 9.28 -13.16 -5.42
C ALA A 210 8.34 -12.14 -4.84
N LEU A 211 8.87 -10.99 -4.42
CA LEU A 211 8.00 -9.89 -4.05
C LEU A 211 7.43 -9.44 -5.37
N PRO A 212 6.17 -8.97 -5.38
CA PRO A 212 5.43 -8.70 -6.62
C PRO A 212 5.71 -7.33 -7.24
N GLN A 213 5.86 -7.31 -8.56
CA GLN A 213 6.08 -6.08 -9.25
C GLN A 213 4.84 -5.22 -9.29
N SER A 214 3.70 -5.87 -9.19
CA SER A 214 2.39 -5.24 -9.03
C SER A 214 1.41 -6.36 -8.72
N PRO A 215 0.20 -6.06 -8.28
CA PRO A 215 -0.81 -7.10 -8.07
C PRO A 215 -1.51 -7.64 -9.35
N GLN A 216 -1.00 -7.31 -10.51
CA GLN A 216 -1.65 -7.61 -11.81
C GLN A 216 -2.28 -8.99 -11.86
N LEU A 217 -1.51 -10.03 -11.60
CA LEU A 217 -2.08 -11.38 -11.75
C LEU A 217 -3.18 -11.64 -10.73
N PHE A 218 -3.00 -11.20 -9.50
CA PHE A 218 -4.03 -11.38 -8.50
C PHE A 218 -5.31 -10.61 -8.82
N LYS A 219 -5.20 -9.41 -9.36
CA LYS A 219 -6.41 -8.65 -9.60
C LYS A 219 -7.25 -9.22 -10.75
N GLN A 220 -6.58 -9.81 -11.72
CA GLN A 220 -7.23 -10.56 -12.73
C GLN A 220 -7.96 -11.82 -12.14
N LEU A 221 -7.28 -12.59 -11.31
CA LEU A 221 -7.93 -13.73 -10.66
C LEU A 221 -9.17 -13.29 -9.89
N LEU A 222 -9.09 -12.13 -9.27
CA LEU A 222 -10.21 -11.57 -8.51
C LEU A 222 -11.40 -11.24 -9.37
N MET A 223 -11.17 -10.92 -10.66
CA MET A 223 -12.25 -10.72 -11.58
C MET A 223 -12.85 -12.09 -11.98
N VAL A 224 -12.00 -13.10 -12.14
CA VAL A 224 -12.47 -14.41 -12.40
C VAL A 224 -13.25 -14.89 -11.20
N ALA A 225 -12.86 -14.44 -10.00
CA ALA A 225 -13.56 -14.81 -8.77
C ALA A 225 -14.92 -14.13 -8.58
N GLY A 226 -15.30 -13.22 -9.48
CA GLY A 226 -16.60 -12.61 -9.41
C GLY A 226 -16.68 -11.40 -8.51
N MET A 227 -15.54 -10.85 -8.08
CA MET A 227 -15.54 -9.68 -7.21
C MET A 227 -15.96 -8.39 -7.91
N GLU A 228 -15.90 -8.39 -9.24
CA GLU A 228 -16.45 -7.30 -10.10
C GLU A 228 -15.76 -5.96 -10.09
N ARG A 229 -15.52 -5.40 -8.91
CA ARG A 229 -14.84 -4.11 -8.79
C ARG A 229 -13.90 -4.19 -7.61
N TYR A 230 -12.60 -4.24 -7.91
CA TYR A 230 -11.58 -4.34 -6.90
C TYR A 230 -10.77 -3.07 -6.85
N TYR A 231 -10.29 -2.72 -5.65
CA TYR A 231 -9.16 -1.81 -5.49
C TYR A 231 -8.23 -2.19 -4.36
N GLN A 232 -7.01 -1.63 -4.43
CA GLN A 232 -6.04 -1.80 -3.38
C GLN A 232 -5.06 -0.64 -3.45
N ILE A 233 -4.66 -0.12 -2.29
CA ILE A 233 -3.52 0.71 -2.22
C ILE A 233 -2.38 -0.19 -1.81
N ALA A 234 -1.58 -0.58 -2.78
CA ALA A 234 -0.73 -1.72 -2.69
C ALA A 234 0.73 -1.34 -2.87
N ARG A 235 1.59 -2.18 -2.27
CA ARG A 235 3.00 -2.01 -2.28
C ARG A 235 3.58 -2.87 -3.39
N CYS A 236 4.47 -2.25 -4.18
CA CYS A 236 5.03 -2.86 -5.35
C CYS A 236 6.53 -2.81 -5.21
N TYR A 237 7.21 -3.80 -5.79
CA TYR A 237 8.60 -3.98 -5.59
C TYR A 237 9.23 -4.20 -6.96
N ARG A 238 10.14 -3.32 -7.38
CA ARG A 238 10.87 -3.48 -8.62
C ARG A 238 12.30 -3.10 -8.43
N ASP A 239 13.19 -4.01 -8.80
CA ASP A 239 14.61 -3.76 -8.79
C ASP A 239 15.03 -3.18 -10.18
N GLU A 240 15.43 -1.90 -10.24
CA GLU A 240 15.64 -1.15 -11.50
C GLU A 240 16.97 -0.35 -11.43
N ASP A 241 17.27 0.48 -12.46
CA ASP A 241 18.20 1.66 -12.35
C ASP A 241 17.66 2.71 -11.34
N PHE A 242 18.51 3.34 -10.53
CA PHE A 242 17.99 4.20 -9.45
C PHE A 242 18.49 5.64 -9.51
N ASP A 245 15.48 9.68 -9.18
CA ASP A 245 14.24 9.60 -8.40
C ASP A 245 13.43 8.29 -8.59
N ARG A 246 14.01 7.12 -8.20
CA ARG A 246 13.25 5.83 -8.23
C ARG A 246 13.47 5.03 -6.94
N GLN A 247 12.39 4.50 -6.37
CA GLN A 247 12.41 3.74 -5.14
C GLN A 247 12.16 2.27 -5.41
N PRO A 248 12.83 1.41 -4.65
CA PRO A 248 12.66 -0.04 -4.85
C PRO A 248 11.33 -0.57 -4.39
N GLU A 249 10.68 0.08 -3.45
CA GLU A 249 9.29 -0.23 -3.19
C GLU A 249 8.47 1.03 -3.30
N PHE A 250 7.23 0.92 -3.74
CA PHE A 250 6.43 2.11 -4.00
C PHE A 250 4.98 1.74 -4.01
N THR A 251 4.13 2.74 -4.06
CA THR A 251 2.75 2.52 -3.81
C THR A 251 1.96 2.75 -5.10
N GLN A 252 1.04 1.84 -5.37
CA GLN A 252 0.06 2.02 -6.42
C GLN A 252 -1.35 2.06 -5.83
N LEU A 253 -2.22 2.90 -6.39
CA LEU A 253 -3.66 2.71 -6.28
C LEU A 253 -4.00 1.81 -7.45
N ASP A 254 -4.45 0.60 -7.15
CA ASP A 254 -4.62 -0.44 -8.15
C ASP A 254 -6.11 -0.73 -8.26
N MET A 255 -6.63 -0.79 -9.49
CA MET A 255 -8.06 -1.00 -9.71
C MET A 255 -8.31 -2.01 -10.84
N GLU A 256 -9.40 -2.76 -10.71
CA GLU A 256 -9.82 -3.71 -11.78
C GLU A 256 -11.31 -3.86 -11.80
N MET A 257 -11.89 -4.02 -12.98
CA MET A 257 -13.34 -4.14 -13.13
C MET A 257 -13.68 -5.24 -14.13
N SER A 258 -14.84 -5.85 -13.96
CA SER A 258 -15.36 -6.82 -14.91
C SER A 258 -16.38 -6.19 -15.80
N PHE A 259 -16.54 -6.82 -16.94
CA PHE A 259 -17.57 -6.47 -17.89
C PHE A 259 -17.46 -5.04 -18.34
N VAL A 260 -16.25 -4.58 -18.60
CA VAL A 260 -16.03 -3.16 -18.96
C VAL A 260 -15.33 -3.02 -20.30
N GLU A 261 -15.39 -1.82 -20.83
CA GLU A 261 -14.42 -1.39 -21.88
C GLU A 261 -13.68 -0.17 -21.38
N ALA A 262 -12.65 0.22 -22.13
CA ALA A 262 -11.77 1.30 -21.69
C ALA A 262 -12.52 2.50 -21.14
N ASP A 263 -13.55 2.98 -21.83
CA ASP A 263 -14.33 4.13 -21.37
C ASP A 263 -14.82 4.01 -19.93
N ASP A 264 -15.22 2.83 -19.55
CA ASP A 264 -15.67 2.65 -18.20
C ASP A 264 -14.53 2.83 -17.23
N VAL A 265 -13.38 2.30 -17.54
CA VAL A 265 -12.26 2.44 -16.65
C VAL A 265 -11.79 3.88 -16.59
N ILE A 266 -11.83 4.56 -17.74
CA ILE A 266 -11.49 5.97 -17.78
C ILE A 266 -12.46 6.83 -16.94
N ALA A 267 -13.74 6.56 -17.10
CA ALA A 267 -14.76 7.32 -16.40
C ALA A 267 -14.58 7.26 -14.88
N ILE A 268 -14.37 6.06 -14.34
CA ILE A 268 -14.13 5.93 -12.90
C ILE A 268 -12.76 6.47 -12.47
N SER A 269 -11.77 6.39 -13.35
CA SER A 269 -10.45 6.93 -13.05
C SER A 269 -10.57 8.44 -12.89
N GLU A 270 -11.36 9.05 -13.77
CA GLU A 270 -11.61 10.49 -13.70
C GLU A 270 -12.25 10.92 -12.38
N GLN A 271 -13.20 10.15 -11.88
CA GLN A 271 -13.84 10.50 -10.61
C GLN A 271 -12.84 10.51 -9.48
N VAL A 272 -11.96 9.51 -9.49
CA VAL A 272 -10.87 9.41 -8.50
C VAL A 272 -9.86 10.55 -8.58
N LEU A 273 -9.48 10.94 -9.80
CA LEU A 273 -8.63 12.11 -10.00
C LEU A 273 -9.32 13.42 -9.54
N LYS A 274 -10.61 13.59 -9.82
CA LYS A 274 -11.32 14.74 -9.30
C LYS A 274 -11.31 14.78 -7.79
N ALA A 275 -11.54 13.65 -7.14
CA ALA A 275 -11.67 13.75 -5.69
C ALA A 275 -10.31 14.11 -5.09
N VAL A 276 -9.26 13.66 -5.78
CA VAL A 276 -7.93 13.70 -5.27
C VAL A 276 -7.41 15.12 -5.41
N TRP A 277 -7.64 15.74 -6.56
CA TRP A 277 -7.26 17.12 -6.75
C TRP A 277 -8.13 18.07 -5.87
N ALA A 278 -9.35 17.68 -5.52
CA ALA A 278 -10.13 18.45 -4.54
C ALA A 278 -9.42 18.58 -3.18
N THR A 279 -8.48 17.69 -2.88
CA THR A 279 -7.81 17.74 -1.56
C THR A 279 -6.95 18.98 -1.43
N ILE A 280 -6.51 19.57 -2.55
CA ILE A 280 -5.82 20.85 -2.51
C ILE A 280 -6.66 22.00 -3.07
N GLY A 281 -7.95 21.75 -3.23
CA GLY A 281 -8.90 22.80 -3.57
C GLY A 281 -8.97 23.16 -5.03
N TYR A 282 -8.49 22.27 -5.90
CA TYR A 282 -8.65 22.43 -7.32
C TYR A 282 -9.87 21.60 -7.82
N ASP A 283 -10.78 22.27 -8.50
CA ASP A 283 -11.94 21.66 -9.09
C ASP A 283 -11.56 21.14 -10.51
N LEU A 284 -11.40 19.83 -10.67
CA LEU A 284 -10.89 19.26 -11.94
C LEU A 284 -11.99 19.22 -13.00
N PRO A 285 -11.82 19.91 -14.09
CA PRO A 285 -12.83 19.84 -15.15
C PRO A 285 -12.86 18.49 -15.84
N LEU A 286 -14.05 17.91 -15.99
CA LEU A 286 -14.23 16.61 -16.64
C LEU A 286 -15.14 16.73 -17.81
N PRO A 287 -14.94 15.90 -18.81
CA PRO A 287 -13.95 14.85 -18.88
C PRO A 287 -12.59 15.40 -19.36
N LEU A 288 -11.53 14.59 -19.23
CA LEU A 288 -10.19 14.96 -19.59
C LEU A 288 -9.91 14.79 -21.08
N PRO A 289 -8.97 15.58 -21.62
CA PRO A 289 -8.59 15.37 -23.03
C PRO A 289 -8.01 13.95 -23.26
N ARG A 290 -8.05 13.52 -24.53
CA ARG A 290 -7.42 12.31 -24.97
C ARG A 290 -6.70 12.60 -26.26
N ILE A 291 -5.63 11.87 -26.50
CA ILE A 291 -4.86 11.94 -27.71
C ILE A 291 -4.23 10.55 -27.94
N SER A 292 -4.07 10.14 -29.19
CA SER A 292 -3.48 8.87 -29.49
C SER A 292 -1.98 8.90 -29.28
N TYR A 293 -1.38 7.76 -29.03
CA TYR A 293 0.05 7.65 -29.05
C TYR A 293 0.65 8.30 -30.29
N GLU A 294 0.22 7.89 -31.47
CA GLU A 294 0.83 8.34 -32.70
C GLU A 294 0.91 9.86 -32.74
N GLU A 295 -0.14 10.51 -32.24
CA GLU A 295 -0.30 11.92 -32.39
C GLU A 295 0.47 12.65 -31.30
N ALA A 296 0.54 12.06 -30.12
CA ALA A 296 1.40 12.57 -29.04
C ALA A 296 2.89 12.54 -29.43
N MET A 297 3.37 11.43 -29.99
CA MET A 297 4.73 11.38 -30.51
C MET A 297 4.91 12.39 -31.63
N ARG A 298 3.94 12.46 -32.55
CA ARG A 298 4.05 13.39 -33.68
C ARG A 298 4.20 14.85 -33.28
N ARG A 299 3.36 15.30 -32.37
CA ARG A 299 3.26 16.70 -32.04
C ARG A 299 4.13 17.14 -30.87
N PHE A 300 4.41 16.22 -29.93
CA PHE A 300 5.09 16.60 -28.70
C PHE A 300 6.36 15.84 -28.46
N GLY A 301 6.63 14.82 -29.29
CA GLY A 301 7.86 14.06 -29.17
C GLY A 301 7.89 13.24 -27.91
N SER A 302 6.72 12.93 -27.35
CA SER A 302 6.67 12.21 -26.08
C SER A 302 5.35 11.53 -25.85
N ASP A 303 5.35 10.32 -25.32
CA ASP A 303 4.08 9.69 -24.89
C ASP A 303 3.61 10.18 -23.50
N LYS A 304 4.40 11.02 -22.85
CA LYS A 304 4.01 11.72 -21.62
C LYS A 304 4.04 13.26 -21.83
N PRO A 305 3.19 13.78 -22.70
CA PRO A 305 3.41 15.16 -23.10
C PRO A 305 3.02 16.22 -22.10
N ASP A 306 3.84 17.25 -22.00
CA ASP A 306 3.55 18.39 -21.15
C ASP A 306 2.75 19.37 -21.97
N LEU A 307 1.49 19.55 -21.63
CA LEU A 307 0.56 20.38 -22.43
C LEU A 307 0.29 21.76 -21.80
N ARG A 308 1.16 22.19 -20.90
CA ARG A 308 1.00 23.50 -20.31
C ARG A 308 1.50 24.57 -21.27
N PHE A 309 1.99 24.15 -22.42
CA PHE A 309 2.43 25.07 -23.41
C PHE A 309 2.38 24.47 -24.83
N GLY A 310 2.56 25.32 -25.85
CA GLY A 310 2.51 24.86 -27.26
C GLY A 310 3.86 24.35 -27.72
N ILE A 311 4.53 25.10 -28.59
CA ILE A 311 5.85 24.76 -29.14
C ILE A 311 5.86 23.35 -29.72
N GLU A 312 4.95 23.09 -30.64
CA GLU A 312 4.75 21.74 -31.18
C GLU A 312 5.79 21.38 -32.20
N LEU A 313 5.99 20.07 -32.41
CA LEU A 313 6.85 19.62 -33.44
C LEU A 313 6.09 19.78 -34.75
N VAL A 314 6.83 20.17 -35.79
CA VAL A 314 6.34 20.19 -37.16
C VAL A 314 7.24 19.29 -38.00
N GLU A 315 6.62 18.29 -38.59
CA GLU A 315 7.33 17.41 -39.47
C GLU A 315 7.78 18.10 -40.76
N CYS A 316 9.02 17.86 -41.17
CA CYS A 316 9.53 18.40 -42.41
C CYS A 316 10.15 17.30 -43.29
N THR A 317 9.82 16.03 -43.08
CA THR A 317 10.50 14.99 -43.84
C THR A 317 10.12 15.11 -45.29
N GLU A 318 8.84 15.26 -45.51
CA GLU A 318 8.31 15.39 -46.88
C GLU A 318 8.75 16.72 -47.49
N TYR A 319 8.77 17.78 -46.68
CA TYR A 319 9.20 19.12 -47.08
C TYR A 319 10.60 19.10 -47.68
N PHE A 320 11.47 18.31 -47.09
CA PHE A 320 12.87 18.28 -47.49
C PHE A 320 13.22 17.07 -48.30
N LYS A 321 12.24 16.39 -48.86
CA LYS A 321 12.53 15.18 -49.60
C LYS A 321 13.51 15.36 -50.77
N ASP A 322 13.62 16.56 -51.37
CA ASP A 322 14.59 16.80 -52.49
C ASP A 322 15.76 17.69 -52.09
N THR A 323 15.98 17.85 -50.80
CA THR A 323 17.08 18.67 -50.36
C THR A 323 18.38 18.05 -50.83
N THR A 324 19.34 18.92 -51.14
CA THR A 324 20.72 18.53 -51.33
C THR A 324 21.55 18.75 -50.05
N PHE A 325 20.92 18.94 -48.89
CA PHE A 325 21.67 19.19 -47.62
C PHE A 325 21.89 17.88 -46.87
N ARG A 326 23.14 17.44 -46.73
CA ARG A 326 23.42 16.05 -46.27
C ARG A 326 22.57 15.80 -45.02
N VAL A 327 22.60 16.78 -44.10
CA VAL A 327 21.96 16.64 -42.81
C VAL A 327 20.45 16.35 -42.86
N PHE A 328 19.74 16.85 -43.86
CA PHE A 328 18.29 16.69 -43.92
C PHE A 328 17.86 15.52 -44.79
N GLN A 329 18.86 14.79 -45.30
CA GLN A 329 18.64 13.58 -46.10
C GLN A 329 18.57 12.46 -45.09
N ALA A 330 17.37 12.18 -44.61
CA ALA A 330 17.20 11.29 -43.48
C ALA A 330 15.82 10.73 -43.50
N PRO A 331 15.62 9.69 -42.68
CA PRO A 331 14.28 9.13 -42.47
C PRO A 331 13.35 10.19 -41.93
N TYR A 332 13.86 11.07 -41.08
CA TYR A 332 13.02 12.04 -40.42
C TYR A 332 13.68 13.38 -40.25
N VAL A 333 12.91 14.42 -40.52
CA VAL A 333 13.29 15.74 -40.18
C VAL A 333 12.12 16.44 -39.57
N GLY A 334 12.38 17.16 -38.50
CA GLY A 334 11.33 17.86 -37.79
C GLY A 334 11.87 19.14 -37.24
N ALA A 335 10.95 20.01 -36.85
CA ALA A 335 11.28 21.35 -36.42
C ALA A 335 10.53 21.72 -35.18
N VAL A 336 11.12 22.56 -34.34
CA VAL A 336 10.33 23.37 -33.44
C VAL A 336 10.74 24.83 -33.51
N VAL A 337 9.76 25.68 -33.27
CA VAL A 337 9.90 27.10 -33.35
C VAL A 337 10.00 27.80 -31.97
N MET A 338 11.10 28.56 -31.78
CA MET A 338 11.29 29.35 -30.58
C MET A 338 10.88 30.77 -30.87
N PRO A 339 9.76 31.19 -30.29
CA PRO A 339 9.27 32.58 -30.33
C PRO A 339 10.34 33.59 -29.97
N GLY A 340 10.60 34.54 -30.85
CA GLY A 340 11.56 35.60 -30.60
C GLY A 340 13.04 35.23 -30.69
N GLY A 341 13.35 33.96 -30.94
CA GLY A 341 14.73 33.49 -30.86
C GLY A 341 15.74 33.95 -31.89
N ALA A 342 15.33 34.65 -32.94
CA ALA A 342 16.37 35.15 -33.88
C ALA A 342 17.31 36.08 -33.16
N SER A 343 16.82 36.86 -32.19
CA SER A 343 17.73 37.74 -31.40
C SER A 343 18.85 37.02 -30.60
N GLN A 344 18.75 35.72 -30.36
CA GLN A 344 19.75 35.01 -29.51
C GLN A 344 21.21 35.27 -29.92
N PRO A 345 22.09 35.53 -28.93
CA PRO A 345 23.54 35.65 -29.23
C PRO A 345 24.20 34.33 -29.66
N ARG A 346 25.32 34.42 -30.36
CA ARG A 346 26.04 33.24 -30.87
C ARG A 346 26.41 32.31 -29.71
N ARG A 347 26.88 32.91 -28.60
CA ARG A 347 27.14 32.16 -27.39
C ARG A 347 25.95 31.27 -27.06
N THR A 348 24.74 31.83 -26.95
CA THR A 348 23.57 31.05 -26.52
C THR A 348 23.20 29.92 -27.51
N LEU A 349 23.37 30.21 -28.80
CA LEU A 349 23.16 29.20 -29.85
C LEU A 349 24.16 28.04 -29.78
N ASP A 350 25.43 28.34 -29.50
CA ASP A 350 26.42 27.30 -29.19
C ASP A 350 25.92 26.50 -27.99
N GLY A 351 25.31 27.19 -27.02
CA GLY A 351 24.69 26.58 -25.85
C GLY A 351 23.62 25.55 -26.17
N TRP A 352 22.85 25.79 -27.25
CA TRP A 352 21.85 24.82 -27.77
C TRP A 352 22.51 23.53 -28.25
N GLN A 353 23.69 23.65 -28.86
CA GLN A 353 24.43 22.46 -29.25
C GLN A 353 24.83 21.69 -28.00
N GLU A 354 25.38 22.37 -27.00
CA GLU A 354 25.74 21.66 -25.77
C GLU A 354 24.51 20.91 -25.24
N PHE A 355 23.40 21.62 -25.13
CA PHE A 355 22.12 21.02 -24.73
C PHE A 355 21.85 19.64 -25.35
N ALA A 356 21.95 19.55 -26.67
CA ALA A 356 21.69 18.31 -27.39
C ALA A 356 22.74 17.22 -27.12
N LYS A 357 24.02 17.61 -27.11
CA LYS A 357 25.12 16.69 -26.80
C LYS A 357 24.92 16.06 -25.40
N GLN A 358 24.63 16.90 -24.41
CA GLN A 358 24.38 16.45 -23.04
C GLN A 358 23.22 15.43 -22.98
N ARG A 359 22.47 15.28 -24.07
CA ARG A 359 21.46 14.19 -24.23
C ARG A 359 21.80 13.16 -25.35
N GLY A 360 23.07 13.11 -25.76
CA GLY A 360 23.54 12.12 -26.75
C GLY A 360 22.91 12.24 -28.15
N HIS A 361 22.90 13.46 -28.68
CA HIS A 361 22.43 13.71 -30.05
C HIS A 361 23.46 14.59 -30.77
N LYS A 362 23.52 14.47 -32.11
CA LYS A 362 24.54 15.16 -32.91
C LYS A 362 24.49 16.68 -32.63
N GLY A 363 23.28 17.23 -32.71
CA GLY A 363 23.02 18.61 -32.37
C GLY A 363 21.66 19.05 -32.89
N LEU A 364 21.53 20.36 -33.01
CA LEU A 364 20.31 21.00 -33.42
C LEU A 364 20.68 22.01 -34.47
N ALA A 365 20.35 21.72 -35.72
CA ALA A 365 20.50 22.68 -36.76
C ALA A 365 19.46 23.81 -36.56
N TYR A 366 19.74 25.02 -37.01
CA TYR A 366 18.79 26.11 -36.87
C TYR A 366 18.76 27.11 -38.03
N VAL A 367 17.64 27.82 -38.12
CA VAL A 367 17.42 28.88 -39.09
C VAL A 367 16.92 30.11 -38.37
N LEU A 368 17.63 31.22 -38.48
CA LEU A 368 17.20 32.45 -37.83
C LEU A 368 16.26 33.18 -38.77
N VAL A 369 15.12 33.64 -38.30
CA VAL A 369 14.19 34.36 -39.17
C VAL A 369 14.22 35.83 -38.82
N GLY A 370 14.66 36.64 -39.77
CA GLY A 370 14.74 38.10 -39.63
C GLY A 370 13.40 38.83 -39.70
N GLU A 371 13.42 40.11 -39.34
CA GLU A 371 12.19 40.92 -39.20
C GLU A 371 11.59 41.15 -40.57
N ASP A 372 12.41 41.01 -41.62
CA ASP A 372 11.90 41.14 -42.97
C ASP A 372 11.65 39.77 -43.62
N GLY A 373 11.64 38.71 -42.81
CA GLY A 373 11.45 37.32 -43.27
C GLY A 373 12.64 36.58 -43.85
N THR A 374 13.76 37.27 -44.02
CA THR A 374 15.00 36.73 -44.58
C THR A 374 15.54 35.70 -43.63
N LEU A 375 16.17 34.68 -44.19
CA LEU A 375 16.62 33.57 -43.40
C LEU A 375 18.10 33.62 -43.22
N GLY A 376 18.54 33.44 -41.99
CA GLY A 376 19.96 33.27 -41.64
C GLY A 376 20.15 32.02 -40.77
N GLY A 377 21.21 32.01 -39.98
CA GLY A 377 21.71 30.77 -39.39
C GLY A 377 22.46 29.96 -40.45
N PRO A 378 23.24 28.95 -40.02
CA PRO A 378 24.04 28.12 -40.91
C PRO A 378 23.24 27.28 -41.92
N VAL A 379 22.02 26.94 -41.58
CA VAL A 379 21.20 26.15 -42.47
C VAL A 379 20.84 26.89 -43.77
N ALA A 380 20.44 28.16 -43.62
CA ALA A 380 19.92 28.98 -44.74
C ALA A 380 20.60 28.72 -46.05
N LYS A 381 21.93 28.81 -46.06
CA LYS A 381 22.71 28.71 -47.32
C LYS A 381 22.65 27.33 -47.97
N ASN A 382 22.31 26.31 -47.19
CA ASN A 382 22.10 24.98 -47.75
C ASN A 382 20.75 24.67 -48.34
N LEU A 383 19.79 25.56 -48.19
CA LEU A 383 18.48 25.39 -48.78
C LEU A 383 18.43 25.85 -50.23
N SER A 384 17.49 25.28 -50.96
CA SER A 384 17.11 25.74 -52.31
C SER A 384 16.15 26.91 -52.18
N ASP A 385 15.93 27.64 -53.26
CA ASP A 385 15.00 28.75 -53.25
C ASP A 385 13.58 28.36 -52.86
N ALA A 386 13.12 27.24 -53.41
CA ALA A 386 11.79 26.67 -53.06
C ALA A 386 11.70 26.39 -51.55
N GLU A 387 12.73 25.71 -51.04
CA GLU A 387 12.84 25.36 -49.65
C GLU A 387 12.85 26.64 -48.82
N ARG A 388 13.69 27.62 -49.15
CA ARG A 388 13.70 28.89 -48.40
C ARG A 388 12.32 29.54 -48.46
N ASP A 389 11.72 29.54 -49.64
CA ASP A 389 10.52 30.34 -49.85
C ASP A 389 9.31 29.89 -49.06
N GLY A 390 9.16 28.58 -48.84
CA GLY A 390 8.00 28.06 -48.19
C GLY A 390 8.17 27.77 -46.71
N LEU A 391 9.38 27.94 -46.17
CA LEU A 391 9.77 27.39 -44.88
C LEU A 391 9.02 27.94 -43.70
N VAL A 392 9.01 29.25 -43.59
CA VAL A 392 8.37 29.94 -42.49
C VAL A 392 6.90 29.61 -42.44
N ALA A 393 6.28 29.53 -43.62
CA ALA A 393 4.86 29.16 -43.72
C ALA A 393 4.67 27.71 -43.30
N HIS A 394 5.61 26.85 -43.66
CA HIS A 394 5.53 25.44 -43.38
C HIS A 394 5.67 25.17 -41.86
N VAL A 395 6.60 25.81 -41.20
CA VAL A 395 6.78 25.51 -39.79
C VAL A 395 5.93 26.39 -38.89
N GLY A 396 5.20 27.35 -39.47
CA GLY A 396 4.39 28.26 -38.66
C GLY A 396 5.23 29.27 -37.92
N ALA A 397 6.39 29.67 -38.48
CA ALA A 397 7.22 30.65 -37.81
C ALA A 397 6.78 32.07 -38.10
N ASN A 398 7.33 32.99 -37.29
CA ASN A 398 7.18 34.42 -37.49
C ASN A 398 8.51 35.12 -37.61
N PRO A 399 8.49 36.26 -38.29
CA PRO A 399 9.61 37.18 -38.25
C PRO A 399 10.09 37.39 -36.81
N GLY A 400 11.38 37.16 -36.59
CA GLY A 400 11.99 37.30 -35.28
C GLY A 400 12.30 35.96 -34.65
N ASP A 401 11.72 34.87 -35.18
CA ASP A 401 11.83 33.58 -34.53
C ASP A 401 13.09 32.78 -34.94
N CYS A 402 13.27 31.66 -34.23
CA CYS A 402 14.36 30.72 -34.43
C CYS A 402 13.78 29.32 -34.65
N ILE A 403 14.16 28.69 -35.76
CA ILE A 403 13.64 27.40 -36.08
C ILE A 403 14.71 26.35 -35.83
N PHE A 404 14.48 25.48 -34.84
CA PHE A 404 15.37 24.35 -34.63
C PHE A 404 14.89 23.17 -35.40
N PHE A 405 15.86 22.36 -35.82
CA PHE A 405 15.61 21.15 -36.57
C PHE A 405 16.40 20.00 -36.00
N ALA A 406 15.82 18.83 -36.06
CA ALA A 406 16.51 17.62 -35.71
C ALA A 406 16.25 16.64 -36.81
N ALA A 407 17.29 15.92 -37.16
CA ALA A 407 17.22 14.99 -38.27
C ALA A 407 17.96 13.71 -37.92
N GLY A 408 17.31 12.60 -38.22
CA GLY A 408 17.89 11.30 -38.07
C GLY A 408 16.78 10.27 -38.06
N PRO A 409 16.99 9.17 -37.36
CA PRO A 409 15.93 8.22 -37.17
C PRO A 409 14.80 8.94 -36.51
N ALA A 410 13.58 8.67 -36.94
CA ALA A 410 12.41 9.25 -36.30
C ALA A 410 12.42 9.23 -34.75
N LYS A 411 12.65 8.08 -34.10
CA LYS A 411 12.49 7.95 -32.60
C LYS A 411 13.42 8.89 -31.81
N GLY A 412 14.69 8.99 -32.24
CA GLY A 412 15.69 9.84 -31.57
C GLY A 412 15.52 11.32 -31.84
N ALA A 413 15.23 11.65 -33.10
CA ALA A 413 14.97 13.02 -33.48
C ALA A 413 13.76 13.57 -32.74
N ARG A 414 12.71 12.77 -32.60
CA ARG A 414 11.54 13.26 -31.90
C ARG A 414 11.77 13.48 -30.41
N ALA A 415 12.58 12.62 -29.79
CA ALA A 415 12.88 12.77 -28.36
C ALA A 415 13.68 14.04 -28.12
N LEU A 416 14.63 14.28 -29.01
CA LEU A 416 15.40 15.49 -28.93
C LEU A 416 14.51 16.73 -29.06
N LEU A 417 13.66 16.75 -30.10
CA LEU A 417 12.70 17.85 -30.30
C LEU A 417 11.76 17.94 -29.10
N GLY A 418 11.34 16.79 -28.59
CA GLY A 418 10.53 16.74 -27.35
C GLY A 418 11.20 17.36 -26.14
N ALA A 419 12.49 17.09 -25.97
CA ALA A 419 13.29 17.77 -24.94
C ALA A 419 13.49 19.27 -25.22
N THR A 420 13.76 19.60 -26.49
CA THR A 420 14.06 20.96 -26.87
C THR A 420 12.86 21.87 -26.54
N ARG A 421 11.74 21.46 -27.02
CA ARG A 421 10.48 22.08 -26.73
C ARG A 421 10.31 22.43 -25.23
N ILE A 422 10.64 21.50 -24.33
CA ILE A 422 10.55 21.74 -22.91
C ILE A 422 11.55 22.83 -22.49
N GLU A 423 12.82 22.72 -22.90
CA GLU A 423 13.80 23.77 -22.61
C GLU A 423 13.39 25.18 -23.12
N ILE A 424 12.83 25.25 -24.32
CA ILE A 424 12.27 26.50 -24.84
C ILE A 424 11.21 27.07 -23.88
N ALA A 425 10.29 26.22 -23.42
CA ALA A 425 9.26 26.65 -22.45
C ALA A 425 9.85 27.24 -21.16
N LYS A 426 10.90 26.61 -20.66
CA LYS A 426 11.59 27.06 -19.44
C LYS A 426 12.24 28.42 -19.62
N ARG A 427 13.02 28.55 -20.68
CA ARG A 427 13.77 29.78 -20.92
C ARG A 427 12.82 30.97 -21.16
N LEU A 428 11.70 30.76 -21.86
CA LEU A 428 10.72 31.82 -22.13
C LEU A 428 9.61 31.92 -21.08
N ASP A 429 9.75 31.20 -19.96
CA ASP A 429 8.82 31.32 -18.83
C ASP A 429 7.36 31.06 -19.27
N LEU A 430 7.18 30.03 -20.09
CA LEU A 430 5.88 29.70 -20.69
C LEU A 430 5.04 28.75 -19.84
N ILE A 431 5.59 28.22 -18.73
CA ILE A 431 4.85 27.26 -17.90
C ILE A 431 4.25 27.94 -16.68
N ASP A 432 2.93 28.05 -16.64
CA ASP A 432 2.27 28.61 -15.46
C ASP A 432 2.40 27.64 -14.28
N PRO A 433 3.12 28.02 -13.21
CA PRO A 433 3.36 27.08 -12.08
C PRO A 433 2.12 26.59 -11.36
N ASN A 434 0.99 27.27 -11.52
CA ASN A 434 -0.28 26.80 -10.96
C ASN A 434 -1.15 25.96 -11.89
N ALA A 435 -0.74 25.79 -13.15
CA ALA A 435 -1.59 25.11 -14.14
C ALA A 435 -1.56 23.58 -13.98
N TRP A 436 -2.70 22.94 -14.22
CA TRP A 436 -2.79 21.48 -14.31
C TRP A 436 -3.27 21.12 -15.68
N ALA A 437 -2.39 20.51 -16.46
CA ALA A 437 -2.75 20.06 -17.81
C ALA A 437 -2.73 18.53 -17.91
N PHE A 438 -3.90 17.91 -18.04
CA PHE A 438 -4.00 16.44 -18.10
C PHE A 438 -4.33 15.98 -19.49
N THR A 439 -3.95 14.74 -19.79
CA THR A 439 -4.50 14.07 -20.96
C THR A 439 -4.35 12.58 -20.83
N TRP A 440 -5.32 11.88 -21.38
CA TRP A 440 -5.16 10.44 -21.62
C TRP A 440 -4.33 10.28 -22.90
N VAL A 441 -3.49 9.26 -22.93
CA VAL A 441 -2.84 8.80 -24.15
C VAL A 441 -3.38 7.41 -24.45
N VAL A 442 -4.03 7.24 -25.58
CA VAL A 442 -4.71 5.99 -25.89
C VAL A 442 -4.19 5.43 -27.20
N ASP A 443 -4.73 4.30 -27.63
CA ASP A 443 -4.36 3.67 -28.90
C ASP A 443 -2.86 3.38 -28.97
N PHE A 444 -2.29 2.95 -27.85
CA PHE A 444 -0.89 2.51 -27.82
C PHE A 444 -0.68 1.35 -28.74
N PRO A 445 0.45 1.30 -29.44
CA PRO A 445 0.78 0.05 -30.12
C PRO A 445 1.04 -1.04 -29.08
N MET A 446 0.89 -2.27 -29.53
CA MET A 446 1.01 -3.42 -28.65
C MET A 446 2.43 -3.77 -28.22
N PHE A 447 3.43 -3.64 -29.12
CA PHE A 447 4.81 -4.04 -28.79
C PHE A 447 5.88 -2.96 -28.95
N GLU A 448 7.01 -3.25 -28.28
CA GLU A 448 8.30 -2.57 -28.33
C GLU A 448 9.30 -3.59 -28.86
N ALA A 449 10.28 -3.14 -29.67
CA ALA A 449 11.46 -3.98 -29.93
C ALA A 449 12.13 -4.31 -28.58
N ALA A 450 12.73 -5.48 -28.47
CA ALA A 450 13.51 -5.83 -27.25
C ALA A 450 14.88 -5.12 -27.19
N ASP A 451 15.48 -4.80 -28.34
CA ASP A 451 16.70 -3.98 -28.43
C ASP A 451 16.48 -2.64 -27.71
N GLU A 452 15.44 -1.90 -28.10
CA GLU A 452 15.11 -0.59 -27.45
C GLU A 452 14.78 -0.68 -25.95
N ALA A 453 14.27 -1.83 -25.51
CA ALA A 453 13.85 -2.04 -24.11
C ALA A 453 15.03 -2.36 -23.19
N THR A 454 15.92 -3.28 -23.59
CA THR A 454 17.12 -3.62 -22.80
C THR A 454 18.02 -2.40 -22.59
N ALA A 455 18.23 -1.64 -23.67
CA ALA A 455 19.11 -0.46 -23.61
C ALA A 455 18.46 0.80 -22.96
N ALA A 456 17.15 0.79 -22.74
CA ALA A 456 16.46 1.85 -21.98
C ALA A 456 16.31 1.51 -20.49
N GLY A 457 17.06 0.50 -20.03
CA GLY A 457 16.97 0.02 -18.65
C GLY A 457 15.97 -1.11 -18.36
N ASP A 458 14.90 -1.22 -19.16
CA ASP A 458 13.84 -2.22 -18.94
C ASP A 458 14.33 -3.69 -19.17
N VAL A 459 13.52 -4.65 -18.68
CA VAL A 459 13.74 -6.11 -18.89
C VAL A 459 12.64 -6.61 -19.85
N ALA A 460 13.05 -7.26 -20.95
CA ALA A 460 12.13 -7.86 -21.92
C ALA A 460 11.46 -9.09 -21.31
N VAL A 461 10.20 -9.35 -21.68
CA VAL A 461 9.43 -10.52 -21.17
C VAL A 461 10.18 -11.86 -21.43
N GLY A 462 10.77 -11.98 -22.61
CA GLY A 462 11.62 -13.12 -22.90
C GLY A 462 12.58 -12.73 -24.00
N SER A 463 13.17 -13.77 -24.59
CA SER A 463 14.24 -13.69 -25.54
C SER A 463 13.81 -13.34 -26.96
N GLY A 464 12.52 -13.13 -27.19
CA GLY A 464 12.03 -12.80 -28.52
C GLY A 464 12.39 -11.39 -28.90
N ALA A 465 12.44 -11.14 -30.21
CA ALA A 465 12.74 -9.81 -30.76
C ALA A 465 11.68 -8.73 -30.48
N TRP A 466 10.51 -9.15 -29.97
CA TRP A 466 9.53 -8.17 -29.45
C TRP A 466 9.19 -8.40 -27.98
N THR A 467 8.72 -7.32 -27.38
CA THR A 467 8.20 -7.29 -26.00
C THR A 467 7.05 -6.26 -25.85
N ALA A 468 6.33 -6.37 -24.75
CA ALA A 468 5.15 -5.59 -24.52
C ALA A 468 5.44 -4.12 -24.37
N MET A 469 4.61 -3.30 -25.02
CA MET A 469 4.55 -1.90 -24.73
C MET A 469 4.06 -1.67 -23.27
N HIS A 470 3.01 -2.36 -22.81
CA HIS A 470 2.46 -2.09 -21.46
C HIS A 470 2.77 -3.29 -20.51
N HIS A 471 2.10 -4.42 -20.74
CA HIS A 471 2.46 -5.72 -20.17
C HIS A 471 1.82 -6.86 -21.00
N ALA A 472 2.29 -8.08 -20.77
CA ALA A 472 1.88 -9.25 -21.56
C ALA A 472 0.38 -9.57 -21.53
N PHE A 473 -0.30 -9.11 -20.49
CA PHE A 473 -1.69 -9.44 -20.28
C PHE A 473 -2.61 -8.40 -20.91
N THR A 474 -2.03 -7.52 -21.72
CA THR A 474 -2.77 -6.44 -22.39
C THR A 474 -3.39 -6.92 -23.70
N ALA A 475 -4.68 -6.66 -23.87
CA ALA A 475 -5.43 -7.14 -25.06
C ALA A 475 -5.14 -6.36 -26.31
N PRO A 476 -5.05 -7.06 -27.42
CA PRO A 476 -5.12 -6.33 -28.65
C PRO A 476 -6.52 -5.76 -28.86
N LYS A 477 -6.55 -4.63 -29.53
CA LYS A 477 -7.74 -4.11 -30.14
C LYS A 477 -8.38 -5.21 -31.03
N PRO A 478 -9.72 -5.27 -31.07
CA PRO A 478 -10.42 -6.29 -31.89
C PRO A 478 -9.83 -6.51 -33.31
N ASP A 479 -9.62 -5.43 -34.05
CA ASP A 479 -9.04 -5.54 -35.38
C ASP A 479 -7.60 -6.08 -35.42
N SER A 480 -6.86 -6.02 -34.32
CA SER A 480 -5.49 -6.55 -34.26
C SER A 480 -5.45 -7.99 -33.77
N VAL A 481 -6.58 -8.56 -33.37
CA VAL A 481 -6.61 -9.90 -32.81
C VAL A 481 -6.05 -11.00 -33.73
N ASP A 482 -6.32 -10.92 -35.02
CA ASP A 482 -5.82 -11.98 -35.92
C ASP A 482 -4.34 -11.82 -36.33
N THR A 483 -3.82 -10.60 -36.40
CA THR A 483 -2.48 -10.35 -36.96
C THR A 483 -1.37 -9.91 -35.98
N PHE A 484 -1.68 -9.76 -34.71
CA PHE A 484 -0.69 -9.16 -33.82
C PHE A 484 0.58 -9.97 -33.70
N ASP A 485 0.46 -11.28 -33.90
CA ASP A 485 1.68 -12.13 -33.88
C ASP A 485 2.39 -12.29 -35.23
N SER A 486 1.76 -11.96 -36.36
CA SER A 486 2.43 -12.03 -37.68
C SER A 486 2.79 -10.67 -38.26
N ASP A 487 2.23 -9.62 -37.69
CA ASP A 487 2.55 -8.25 -38.07
C ASP A 487 2.50 -7.40 -36.78
N PRO A 488 3.50 -7.61 -35.91
CA PRO A 488 3.56 -7.00 -34.59
C PRO A 488 3.72 -5.50 -34.58
N GLY A 489 4.44 -4.97 -35.57
CA GLY A 489 4.67 -3.53 -35.68
C GLY A 489 3.39 -2.74 -35.83
N ASN A 490 2.45 -3.22 -36.65
CA ASN A 490 1.12 -2.60 -36.82
C ASN A 490 0.07 -2.85 -35.71
N ALA A 491 0.33 -3.76 -34.79
CA ALA A 491 -0.73 -4.16 -33.84
C ALA A 491 -1.02 -3.08 -32.83
N LEU A 492 -2.31 -2.81 -32.62
CA LEU A 492 -2.76 -1.82 -31.63
C LEU A 492 -3.38 -2.51 -30.42
N SER A 493 -3.28 -1.86 -29.27
CA SER A 493 -3.72 -2.41 -28.01
C SER A 493 -4.79 -1.54 -27.37
N ASP A 494 -5.50 -2.08 -26.42
CA ASP A 494 -6.55 -1.32 -25.68
C ASP A 494 -5.97 -0.85 -24.36
N ALA A 495 -4.79 -0.24 -24.41
CA ALA A 495 -4.15 0.34 -23.23
C ALA A 495 -4.33 1.83 -23.23
N TYR A 496 -4.12 2.44 -22.07
CA TYR A 496 -4.38 3.89 -21.86
C TYR A 496 -3.49 4.40 -20.72
N ASP A 497 -2.87 5.56 -20.91
CA ASP A 497 -2.13 6.20 -19.86
C ASP A 497 -2.73 7.55 -19.54
N ILE A 498 -2.56 7.96 -18.29
CA ILE A 498 -3.01 9.26 -17.83
C ILE A 498 -1.80 10.08 -17.43
N VAL A 499 -1.71 11.25 -18.01
CA VAL A 499 -0.53 12.10 -17.87
C VAL A 499 -0.97 13.41 -17.24
N CYS A 500 -0.14 13.92 -16.35
CA CYS A 500 -0.38 15.24 -15.75
C CYS A 500 0.94 16.00 -15.74
N ASN A 501 0.92 17.19 -16.32
CA ASN A 501 2.10 18.04 -16.44
C ASN A 501 3.38 17.35 -16.88
N GLY A 502 3.28 16.49 -17.91
CA GLY A 502 4.46 15.80 -18.47
C GLY A 502 4.97 14.62 -17.65
N ASN A 503 4.16 14.18 -16.69
CA ASN A 503 4.36 12.95 -15.91
C ASN A 503 3.31 11.87 -16.19
N GLU A 504 3.74 10.62 -16.41
CA GLU A 504 2.83 9.53 -16.40
C GLU A 504 2.42 9.35 -14.95
N ILE A 505 1.13 9.44 -14.67
CA ILE A 505 0.64 9.21 -13.32
C ILE A 505 -0.25 7.97 -13.20
N GLY A 506 -0.53 7.33 -14.33
CA GLY A 506 -1.21 6.05 -14.32
C GLY A 506 -1.29 5.41 -15.68
N GLY A 507 -1.65 4.12 -15.68
CA GLY A 507 -1.80 3.34 -16.90
C GLY A 507 -2.53 2.01 -16.63
N GLY A 508 -3.26 1.54 -17.64
CA GLY A 508 -3.95 0.28 -17.57
C GLY A 508 -4.31 -0.20 -18.95
N SER A 509 -5.07 -1.26 -18.98
CA SER A 509 -5.56 -1.82 -20.22
C SER A 509 -6.74 -2.73 -19.91
N ILE A 510 -7.47 -3.03 -20.97
CA ILE A 510 -8.40 -4.14 -20.98
C ILE A 510 -7.54 -5.40 -21.12
N ARG A 511 -7.87 -6.44 -20.39
CA ARG A 511 -7.05 -7.65 -20.43
C ARG A 511 -7.53 -8.67 -21.44
N ILE A 512 -6.60 -9.52 -21.82
CA ILE A 512 -6.80 -10.85 -22.38
C ILE A 512 -7.43 -11.82 -21.35
N HIS A 513 -8.47 -12.57 -21.76
CA HIS A 513 -9.09 -13.57 -20.87
C HIS A 513 -9.24 -14.93 -21.51
N ARG A 514 -8.36 -15.22 -22.46
CA ARG A 514 -8.35 -16.50 -23.16
C ARG A 514 -6.97 -17.05 -23.23
N ARG A 515 -6.82 -18.36 -23.05
CA ARG A 515 -5.52 -19.01 -23.09
C ARG A 515 -4.89 -18.93 -24.47
N ASP A 516 -5.65 -19.11 -25.53
CA ASP A 516 -4.99 -19.19 -26.82
C ASP A 516 -4.34 -17.85 -27.17
N ILE A 517 -5.05 -16.76 -26.90
CA ILE A 517 -4.55 -15.44 -27.23
C ILE A 517 -3.34 -15.11 -26.37
N GLN A 518 -3.48 -15.34 -25.08
CA GLN A 518 -2.37 -15.10 -24.13
C GLN A 518 -1.12 -15.90 -24.51
N GLU A 519 -1.27 -17.15 -24.94
CA GLU A 519 -0.10 -17.94 -25.28
C GLU A 519 0.54 -17.47 -26.56
N ARG A 520 -0.24 -16.84 -27.44
CA ARG A 520 0.28 -16.33 -28.69
C ARG A 520 1.15 -15.09 -28.42
N VAL A 521 0.71 -14.25 -27.48
CA VAL A 521 1.53 -13.17 -26.98
C VAL A 521 2.83 -13.69 -26.41
N PHE A 522 2.78 -14.72 -25.56
CA PHE A 522 4.02 -15.25 -24.99
C PHE A 522 4.97 -15.91 -25.99
N ALA A 523 4.42 -16.53 -27.03
CA ALA A 523 5.24 -17.32 -27.92
C ALA A 523 6.18 -16.41 -28.71
N MET A 524 5.69 -15.22 -29.04
CA MET A 524 6.44 -14.31 -29.90
C MET A 524 7.44 -13.51 -29.08
N MET A 525 7.31 -13.55 -27.77
CA MET A 525 8.35 -13.14 -26.87
C MET A 525 9.19 -14.33 -26.44
N GLY A 526 9.15 -15.42 -27.20
CA GLY A 526 9.98 -16.60 -26.93
C GLY A 526 9.62 -17.46 -25.74
N ILE A 527 8.39 -17.30 -25.22
CA ILE A 527 7.90 -18.17 -24.15
C ILE A 527 6.89 -19.20 -24.73
N ASP A 528 7.36 -20.42 -25.01
CA ASP A 528 6.47 -21.47 -25.55
C ASP A 528 5.47 -21.99 -24.51
N HIS A 529 4.58 -22.89 -24.93
CA HIS A 529 3.48 -23.34 -24.07
CA HIS A 529 3.48 -23.35 -24.09
C HIS A 529 3.97 -23.81 -22.70
N ASP A 530 4.99 -24.66 -22.68
CA ASP A 530 5.49 -25.25 -21.44
C ASP A 530 6.00 -24.24 -20.41
N GLU A 531 6.79 -23.28 -20.88
CA GLU A 531 7.30 -22.22 -20.00
C GLU A 531 6.16 -21.29 -19.56
N ALA A 532 5.25 -20.99 -20.46
CA ALA A 532 4.10 -20.17 -20.09
C ALA A 532 3.26 -20.84 -18.99
N GLN A 533 3.09 -22.15 -19.10
CA GLN A 533 2.34 -22.91 -18.11
C GLN A 533 3.10 -22.99 -16.77
N GLU A 534 4.41 -23.16 -16.84
CA GLU A 534 5.20 -23.21 -15.63
C GLU A 534 5.18 -21.87 -14.90
N LYS A 535 5.35 -20.76 -15.64
CA LYS A 535 5.51 -19.45 -15.03
C LYS A 535 4.16 -18.76 -14.81
N PHE A 536 3.15 -19.03 -15.64
CA PHE A 536 1.82 -18.36 -15.50
C PHE A 536 0.59 -19.30 -15.56
N GLY A 537 0.82 -20.57 -15.32
CA GLY A 537 -0.23 -21.57 -15.42
C GLY A 537 -1.47 -21.30 -14.56
N PHE A 538 -1.25 -20.75 -13.39
CA PHE A 538 -2.36 -20.54 -12.51
C PHE A 538 -3.31 -19.50 -13.10
N LEU A 539 -2.81 -18.57 -13.88
CA LEU A 539 -3.69 -17.64 -14.51
C LEU A 539 -4.35 -18.26 -15.76
N LEU A 540 -3.57 -19.00 -16.54
CA LEU A 540 -4.05 -19.53 -17.80
C LEU A 540 -5.14 -20.56 -17.53
N ASP A 541 -4.94 -21.41 -16.52
CA ASP A 541 -5.89 -22.44 -16.10
C ASP A 541 -7.17 -21.76 -15.68
N ALA A 542 -7.06 -20.62 -14.96
CA ALA A 542 -8.24 -19.89 -14.55
C ALA A 542 -9.10 -19.43 -15.71
N PHE A 543 -8.48 -19.13 -16.84
CA PHE A 543 -9.25 -18.75 -18.07
C PHE A 543 -10.17 -19.83 -18.62
N SER A 544 -10.00 -21.05 -18.15
CA SER A 544 -10.80 -22.12 -18.60
C SER A 544 -12.18 -22.23 -17.88
N TYR A 545 -12.39 -21.46 -16.82
CA TYR A 545 -13.59 -21.59 -16.00
C TYR A 545 -14.51 -20.34 -15.96
N GLY A 546 -14.92 -19.91 -17.14
CA GLY A 546 -15.79 -18.77 -17.28
C GLY A 546 -15.18 -17.46 -16.85
N ALA A 547 -14.13 -17.05 -17.56
CA ALA A 547 -13.48 -15.75 -17.24
C ALA A 547 -14.23 -14.64 -17.92
N PRO A 548 -14.56 -13.56 -17.17
CA PRO A 548 -15.24 -12.44 -17.80
C PRO A 548 -14.30 -11.49 -18.52
N PRO A 549 -14.85 -10.63 -19.35
CA PRO A 549 -14.07 -9.53 -19.81
C PRO A 549 -13.68 -8.71 -18.61
N HIS A 550 -12.52 -8.07 -18.64
CA HIS A 550 -12.12 -7.22 -17.53
C HIS A 550 -10.99 -6.27 -17.90
N GLY A 551 -10.79 -5.25 -17.09
CA GLY A 551 -9.65 -4.40 -17.25
C GLY A 551 -9.55 -3.40 -16.14
N GLY A 552 -8.44 -2.68 -16.10
CA GLY A 552 -8.21 -1.77 -15.02
C GLY A 552 -7.06 -0.82 -15.21
N ILE A 553 -6.44 -0.43 -14.10
CA ILE A 553 -5.51 0.65 -14.10
C ILE A 553 -4.82 0.71 -12.78
N ALA A 554 -3.59 1.23 -12.79
CA ALA A 554 -2.91 1.59 -11.56
C ALA A 554 -2.32 2.97 -11.66
N PHE A 555 -2.43 3.71 -10.56
CA PHE A 555 -1.88 5.03 -10.50
C PHE A 555 -0.63 5.00 -9.67
N GLY A 556 0.33 5.77 -10.13
CA GLY A 556 1.56 5.97 -9.37
C GLY A 556 1.27 6.90 -8.23
N TRP A 557 0.93 6.35 -7.07
CA TRP A 557 0.45 7.15 -5.94
C TRP A 557 1.51 8.08 -5.32
N ASP A 558 2.76 7.67 -5.31
CA ASP A 558 3.82 8.53 -4.84
C ASP A 558 3.93 9.76 -5.74
N ARG A 559 3.84 9.56 -7.05
CA ARG A 559 4.00 10.64 -8.01
C ARG A 559 2.86 11.62 -7.92
N ILE A 560 1.66 11.09 -7.83
CA ILE A 560 0.48 11.92 -7.68
C ILE A 560 0.52 12.79 -6.42
N THR A 561 0.93 12.20 -5.28
CA THR A 561 1.02 12.92 -4.01
C THR A 561 2.12 13.94 -4.15
N ALA A 562 3.21 13.59 -4.79
CA ALA A 562 4.30 14.54 -4.94
C ALA A 562 3.85 15.78 -5.71
N LEU A 563 3.03 15.58 -6.75
CA LEU A 563 2.48 16.68 -7.53
C LEU A 563 1.54 17.54 -6.74
N LEU A 564 0.64 16.93 -5.99
CA LEU A 564 -0.28 17.69 -5.14
C LEU A 564 0.45 18.52 -4.07
N ALA A 565 1.58 18.03 -3.63
CA ALA A 565 2.34 18.68 -2.62
C ALA A 565 3.22 19.77 -3.21
N GLY A 566 3.37 19.75 -4.53
CA GLY A 566 4.24 20.72 -5.24
C GLY A 566 5.72 20.43 -5.10
N VAL A 567 6.12 19.18 -5.01
CA VAL A 567 7.56 18.83 -4.90
C VAL A 567 7.94 17.94 -6.08
N ASP A 568 9.23 17.86 -6.35
CA ASP A 568 9.75 17.22 -7.56
C ASP A 568 10.11 15.78 -7.38
N SER A 569 10.31 15.37 -6.15
CA SER A 569 10.87 14.05 -5.85
C SER A 569 9.91 13.35 -4.89
N ILE A 570 9.68 12.07 -5.13
CA ILE A 570 8.70 11.28 -4.38
C ILE A 570 9.22 10.98 -3.00
N ARG A 571 10.52 11.07 -2.82
CA ARG A 571 11.12 11.06 -1.50
C ARG A 571 10.53 12.01 -0.54
N GLU A 572 9.98 13.11 -1.02
CA GLU A 572 9.41 14.10 -0.10
C GLU A 572 8.02 13.74 0.41
N VAL A 573 7.39 12.72 -0.14
CA VAL A 573 6.06 12.32 0.30
C VAL A 573 5.99 10.88 0.78
N ILE A 574 7.17 10.28 1.00
CA ILE A 574 7.33 8.98 1.59
C ILE A 574 8.02 9.17 2.94
N ALA A 575 7.48 8.55 3.99
CA ALA A 575 7.93 8.79 5.32
C ALA A 575 9.37 8.42 5.49
N PHE A 576 9.78 7.23 5.04
CA PHE A 576 11.16 6.78 5.21
C PHE A 576 11.71 6.18 3.93
N PRO A 577 12.06 7.07 2.98
CA PRO A 577 12.48 6.62 1.66
C PRO A 577 13.95 6.27 1.60
N LYS A 578 14.33 5.49 0.60
CA LYS A 578 15.72 5.25 0.28
C LYS A 578 16.25 6.42 -0.56
N SER A 579 17.56 6.48 -0.74
CA SER A 579 18.13 7.54 -1.52
C SER A 579 18.34 7.14 -2.98
N GLY A 580 19.50 6.54 -3.27
CA GLY A 580 19.94 6.25 -4.63
C GLY A 580 20.60 4.88 -4.50
N GLY A 581 20.29 3.99 -5.43
CA GLY A 581 20.83 2.63 -5.37
C GLY A 581 20.34 1.81 -4.18
N GLY A 582 19.19 2.18 -3.62
CA GLY A 582 18.65 1.54 -2.43
C GLY A 582 19.41 1.81 -1.14
N VAL A 583 20.27 2.85 -1.12
CA VAL A 583 21.00 3.20 0.11
C VAL A 583 19.95 3.72 1.09
N ASP A 584 20.00 3.22 2.31
CA ASP A 584 19.12 3.68 3.38
C ASP A 584 19.88 4.36 4.50
N PRO A 585 20.08 5.70 4.43
CA PRO A 585 20.89 6.36 5.47
C PRO A 585 20.26 6.35 6.86
N LEU A 586 18.96 6.09 6.97
CA LEU A 586 18.32 6.00 8.26
C LEU A 586 18.73 4.77 9.03
N THR A 587 18.69 3.58 8.44
CA THR A 587 18.98 2.34 9.19
C THR A 587 20.21 1.64 8.71
N ASP A 588 20.83 2.13 7.65
CA ASP A 588 21.95 1.47 6.99
C ASP A 588 21.66 0.11 6.33
N ALA A 589 20.38 -0.24 6.15
CA ALA A 589 20.00 -1.37 5.32
C ALA A 589 20.43 -1.09 3.90
N PRO A 590 20.77 -2.12 3.16
CA PRO A 590 20.82 -3.54 3.51
C PRO A 590 22.11 -3.86 4.25
N ALA A 591 22.12 -4.90 5.07
CA ALA A 591 23.29 -5.23 5.89
C ALA A 591 23.58 -6.73 5.78
N PRO A 592 24.84 -7.13 6.04
CA PRO A 592 25.14 -8.56 5.96
C PRO A 592 24.57 -9.26 7.18
N ILE A 593 24.72 -10.58 7.19
CA ILE A 593 24.13 -11.42 8.24
C ILE A 593 25.21 -12.38 8.71
N THR A 594 24.98 -13.02 9.85
CA THR A 594 25.92 -13.99 10.40
C THR A 594 26.00 -15.21 9.53
N PRO A 595 27.13 -15.92 9.59
CA PRO A 595 27.19 -17.27 8.98
C PRO A 595 26.10 -18.22 9.51
N GLN A 596 25.83 -18.16 10.81
CA GLN A 596 24.76 -18.91 11.46
C GLN A 596 23.41 -18.61 10.82
N GLN A 597 23.13 -17.32 10.69
CA GLN A 597 21.88 -16.85 10.09
C GLN A 597 21.76 -17.29 8.64
N ARG A 598 22.87 -17.28 7.93
CA ARG A 598 22.88 -17.75 6.53
C ARG A 598 22.63 -19.26 6.42
N LYS A 599 23.18 -20.05 7.34
CA LYS A 599 22.95 -21.51 7.34
C LYS A 599 21.46 -21.77 7.57
N GLU A 600 20.91 -21.20 8.63
CA GLU A 600 19.46 -21.28 8.91
C GLU A 600 18.56 -20.69 7.81
N SER A 601 19.03 -19.68 7.08
CA SER A 601 18.33 -19.17 5.89
C SER A 601 17.86 -20.28 4.94
N GLY A 602 18.59 -21.39 4.89
CA GLY A 602 18.27 -22.46 3.94
C GLY A 602 18.81 -22.13 2.57
N ILE A 603 19.22 -20.90 2.40
CA ILE A 603 19.97 -20.52 1.25
C ILE A 603 21.23 -21.37 1.30
N ASP A 604 21.84 -21.62 0.15
CA ASP A 604 23.06 -22.50 0.07
C ASP A 604 22.66 -23.93 0.51
N VAL B 23 -22.83 -3.14 -25.27
CA VAL B 23 -23.41 -2.93 -23.89
C VAL B 23 -23.46 -4.28 -23.20
N LEU B 24 -22.52 -4.53 -22.29
CA LEU B 24 -22.48 -5.82 -21.62
C LEU B 24 -23.47 -5.88 -20.46
N ARG B 25 -23.86 -4.75 -19.90
CA ARG B 25 -24.71 -4.77 -18.71
C ARG B 25 -25.48 -3.48 -18.54
N THR B 26 -26.74 -3.63 -18.19
CA THR B 26 -27.69 -2.54 -18.17
C THR B 26 -28.37 -2.46 -16.83
N HIS B 27 -28.31 -3.56 -16.09
CA HIS B 27 -29.04 -3.75 -14.87
C HIS B 27 -28.38 -4.89 -14.07
N ALA B 28 -28.49 -4.81 -12.77
CA ALA B 28 -27.95 -5.83 -11.91
C ALA B 28 -29.00 -6.94 -11.81
N ALA B 29 -28.55 -8.16 -11.67
CA ALA B 29 -29.46 -9.30 -11.67
C ALA B 29 -30.28 -9.45 -10.40
N GLY B 30 -29.73 -9.02 -9.26
CA GLY B 30 -30.39 -9.25 -7.97
C GLY B 30 -31.58 -8.35 -7.72
N SER B 31 -31.71 -7.27 -8.49
CA SER B 31 -32.66 -6.21 -8.16
C SER B 31 -33.92 -6.19 -9.00
N LEU B 32 -34.06 -7.07 -9.98
CA LEU B 32 -35.30 -7.12 -10.74
C LEU B 32 -36.48 -7.52 -9.88
N ARG B 33 -37.62 -6.90 -10.17
CA ARG B 33 -38.85 -7.07 -9.39
C ARG B 33 -40.02 -7.00 -10.36
N PRO B 34 -41.22 -7.41 -9.91
CA PRO B 34 -42.41 -7.33 -10.80
C PRO B 34 -42.63 -5.95 -11.43
N ALA B 35 -42.35 -4.88 -10.66
CA ALA B 35 -42.50 -3.49 -11.16
C ALA B 35 -41.62 -3.19 -12.42
N ASP B 36 -40.61 -4.04 -12.68
CA ASP B 36 -39.76 -3.96 -13.87
C ASP B 36 -40.33 -4.73 -15.10
N ALA B 37 -41.51 -5.33 -14.99
CA ALA B 37 -42.11 -6.09 -16.11
C ALA B 37 -42.26 -5.29 -17.41
N GLY B 38 -41.80 -5.83 -18.55
CA GLY B 38 -41.92 -5.15 -19.84
C GLY B 38 -40.64 -4.44 -20.24
N GLN B 39 -39.75 -4.21 -19.27
CA GLN B 39 -38.50 -3.59 -19.57
C GLN B 39 -37.53 -4.56 -20.23
N THR B 40 -36.70 -4.03 -21.12
CA THR B 40 -35.65 -4.77 -21.75
C THR B 40 -34.43 -4.56 -20.89
N VAL B 41 -33.73 -5.62 -20.52
CA VAL B 41 -32.54 -5.47 -19.73
C VAL B 41 -31.48 -6.34 -20.30
N THR B 42 -30.23 -6.02 -19.95
CA THR B 42 -29.10 -6.84 -20.31
C THR B 42 -28.39 -7.18 -19.01
N LEU B 43 -28.27 -8.47 -18.74
CA LEU B 43 -27.53 -8.92 -17.60
C LEU B 43 -26.25 -9.56 -18.06
N ALA B 44 -25.25 -9.49 -17.21
CA ALA B 44 -23.97 -10.10 -17.48
C ALA B 44 -23.56 -10.72 -16.15
N GLY B 45 -23.13 -11.97 -16.20
CA GLY B 45 -22.73 -12.67 -15.02
C GLY B 45 -22.49 -14.10 -15.40
N TRP B 46 -22.85 -15.04 -14.53
CA TRP B 46 -22.52 -16.42 -14.74
C TRP B 46 -23.73 -17.34 -14.69
N VAL B 47 -23.60 -18.49 -15.34
CA VAL B 47 -24.64 -19.49 -15.33
C VAL B 47 -24.51 -20.33 -14.09
N ALA B 48 -25.28 -19.99 -13.06
CA ALA B 48 -25.19 -20.70 -11.76
C ALA B 48 -25.71 -22.08 -11.95
N ARG B 49 -26.85 -22.21 -12.62
CA ARG B 49 -27.53 -23.47 -12.85
C ARG B 49 -28.27 -23.47 -14.18
N ARG B 50 -28.36 -24.65 -14.83
CA ARG B 50 -29.22 -24.79 -16.00
C ARG B 50 -30.12 -26.00 -15.87
N ARG B 51 -31.39 -25.86 -16.26
CA ARG B 51 -32.25 -27.04 -16.31
C ARG B 51 -33.17 -26.86 -17.48
N ASP B 52 -33.52 -27.97 -18.12
CA ASP B 52 -34.44 -28.00 -19.28
C ASP B 52 -35.78 -28.69 -18.99
N HIS B 53 -36.89 -28.00 -19.26
CA HIS B 53 -38.26 -28.56 -19.13
C HIS B 53 -39.12 -28.03 -20.25
N GLY B 54 -40.02 -28.85 -20.81
CA GLY B 54 -40.82 -28.43 -21.96
C GLY B 54 -39.82 -28.28 -23.05
N GLY B 55 -40.01 -27.38 -23.98
CA GLY B 55 -38.90 -27.16 -24.94
C GLY B 55 -37.91 -26.12 -24.49
N VAL B 56 -37.87 -25.83 -23.20
CA VAL B 56 -37.37 -24.53 -22.73
C VAL B 56 -36.14 -24.72 -21.90
N ILE B 57 -35.20 -23.80 -22.01
CA ILE B 57 -33.97 -23.81 -21.24
C ILE B 57 -34.05 -22.70 -20.20
N PHE B 58 -33.95 -23.08 -18.91
CA PHE B 58 -33.96 -22.13 -17.77
C PHE B 58 -32.55 -22.03 -17.17
N ILE B 59 -32.02 -20.82 -16.94
CA ILE B 59 -30.80 -20.68 -16.13
C ILE B 59 -31.04 -19.75 -14.97
N ASP B 60 -30.23 -19.91 -13.95
CA ASP B 60 -30.05 -18.87 -12.95
C ASP B 60 -28.79 -18.07 -13.31
N LEU B 61 -28.94 -16.78 -13.56
CA LEU B 61 -27.83 -15.93 -13.88
C LEU B 61 -27.44 -15.16 -12.64
N ARG B 62 -26.18 -15.35 -12.23
CA ARG B 62 -25.66 -14.77 -11.00
C ARG B 62 -24.65 -13.68 -11.31
N ASP B 63 -24.74 -12.57 -10.60
CA ASP B 63 -23.68 -11.57 -10.50
C ASP B 63 -23.54 -11.21 -8.98
N ALA B 64 -22.68 -10.26 -8.64
CA ALA B 64 -22.42 -9.95 -7.22
C ALA B 64 -23.65 -9.51 -6.41
N SER B 65 -24.66 -8.99 -7.11
CA SER B 65 -25.88 -8.44 -6.50
C SER B 65 -26.96 -9.48 -6.26
N GLY B 66 -26.81 -10.66 -6.83
CA GLY B 66 -27.77 -11.75 -6.65
C GLY B 66 -28.08 -12.49 -7.95
N VAL B 67 -29.28 -13.04 -8.04
CA VAL B 67 -29.64 -13.98 -9.11
C VAL B 67 -31.00 -13.66 -9.73
N SER B 68 -31.10 -13.75 -11.05
CA SER B 68 -32.39 -13.77 -11.73
C SER B 68 -32.50 -14.98 -12.67
N GLN B 69 -33.68 -15.56 -12.72
CA GLN B 69 -33.92 -16.61 -13.68
C GLN B 69 -33.98 -16.01 -15.09
N VAL B 70 -33.34 -16.68 -16.04
CA VAL B 70 -33.44 -16.32 -17.43
C VAL B 70 -33.93 -17.52 -18.20
N VAL B 71 -34.76 -17.28 -19.18
CA VAL B 71 -35.39 -18.33 -19.92
C VAL B 71 -35.21 -18.14 -21.41
N PHE B 72 -34.99 -19.25 -22.12
CA PHE B 72 -34.78 -19.23 -23.57
C PHE B 72 -35.87 -20.08 -24.22
N ARG B 73 -36.80 -19.45 -24.92
CA ARG B 73 -38.03 -20.11 -25.40
C ARG B 73 -38.11 -20.40 -26.88
N GLU B 74 -37.52 -19.55 -27.71
CA GLU B 74 -37.64 -19.74 -29.16
C GLU B 74 -36.41 -19.29 -29.99
N GLY B 75 -36.39 -19.74 -31.23
CA GLY B 75 -35.46 -19.26 -32.24
C GLY B 75 -33.99 -19.54 -32.00
N ASP B 76 -33.17 -18.59 -32.42
CA ASP B 76 -31.74 -18.79 -32.45
C ASP B 76 -31.16 -18.74 -31.06
N VAL B 77 -31.76 -17.93 -30.20
CA VAL B 77 -31.28 -17.83 -28.84
C VAL B 77 -31.49 -19.17 -28.07
N LEU B 78 -32.54 -19.93 -28.40
CA LEU B 78 -32.73 -21.23 -27.79
C LEU B 78 -31.65 -22.19 -28.24
N ALA B 79 -31.38 -22.21 -29.54
CA ALA B 79 -30.32 -23.08 -30.09
C ALA B 79 -29.00 -22.69 -29.47
N ALA B 80 -28.76 -21.41 -29.27
CA ALA B 80 -27.49 -21.04 -28.65
C ALA B 80 -27.43 -21.44 -27.17
N ALA B 81 -28.58 -21.39 -26.47
CA ALA B 81 -28.61 -21.70 -25.04
C ALA B 81 -28.27 -23.17 -24.74
N HIS B 82 -28.36 -24.02 -25.75
CA HIS B 82 -27.93 -25.41 -25.60
C HIS B 82 -26.47 -25.55 -25.20
N ARG B 83 -25.62 -24.59 -25.53
CA ARG B 83 -24.21 -24.69 -25.12
C ARG B 83 -23.97 -24.35 -23.68
N LEU B 84 -24.92 -23.67 -23.04
CA LEU B 84 -24.70 -23.20 -21.68
C LEU B 84 -24.60 -24.30 -20.60
N ARG B 85 -23.60 -24.17 -19.75
CA ARG B 85 -23.31 -25.11 -18.66
C ARG B 85 -22.82 -24.30 -17.46
N ALA B 86 -22.70 -24.94 -16.31
CA ALA B 86 -22.36 -24.21 -15.10
C ALA B 86 -21.11 -23.40 -15.25
N GLU B 87 -21.23 -22.17 -14.77
CA GLU B 87 -20.12 -21.22 -14.73
C GLU B 87 -19.64 -20.74 -16.08
N PHE B 88 -20.43 -20.94 -17.14
CA PHE B 88 -20.28 -20.14 -18.33
C PHE B 88 -20.54 -18.70 -17.94
N CYS B 89 -19.80 -17.79 -18.57
CA CYS B 89 -19.94 -16.38 -18.31
C CYS B 89 -20.60 -15.84 -19.51
N VAL B 90 -21.67 -15.08 -19.31
CA VAL B 90 -22.56 -14.70 -20.41
C VAL B 90 -23.11 -13.28 -20.23
N ALA B 91 -23.52 -12.71 -21.33
CA ALA B 91 -24.36 -11.52 -21.32
C ALA B 91 -25.66 -11.90 -22.01
N VAL B 92 -26.77 -11.52 -21.41
CA VAL B 92 -28.06 -11.87 -21.95
C VAL B 92 -28.93 -10.64 -21.97
N THR B 93 -29.51 -10.34 -23.11
CA THR B 93 -30.50 -9.28 -23.20
C THR B 93 -31.88 -9.94 -23.29
N GLY B 94 -32.88 -9.34 -22.66
CA GLY B 94 -34.25 -9.88 -22.74
C GLY B 94 -35.28 -8.99 -22.10
N VAL B 95 -36.55 -9.44 -22.14
CA VAL B 95 -37.68 -8.69 -21.55
C VAL B 95 -38.05 -9.28 -20.19
N VAL B 96 -38.19 -8.43 -19.17
CA VAL B 96 -38.58 -8.91 -17.84
C VAL B 96 -40.06 -9.30 -17.83
N GLU B 97 -40.36 -10.45 -17.23
CA GLU B 97 -41.74 -10.93 -17.13
C GLU B 97 -42.05 -11.47 -15.76
N VAL B 98 -43.31 -11.36 -15.36
CA VAL B 98 -43.80 -12.06 -14.19
C VAL B 98 -43.83 -13.55 -14.55
N ARG B 99 -43.36 -14.40 -13.64
CA ARG B 99 -43.33 -15.85 -13.89
C ARG B 99 -44.76 -16.41 -13.85
N PRO B 100 -45.03 -17.50 -14.60
CA PRO B 100 -46.36 -18.13 -14.55
C PRO B 100 -46.77 -18.58 -13.13
N GLU B 101 -48.08 -18.68 -12.88
CA GLU B 101 -48.59 -19.22 -11.60
C GLU B 101 -47.92 -20.58 -11.33
N GLY B 102 -47.26 -20.71 -10.17
CA GLY B 102 -46.64 -21.95 -9.73
C GLY B 102 -45.21 -22.22 -10.20
N ASN B 103 -44.58 -21.25 -10.88
CA ASN B 103 -43.13 -21.23 -11.01
C ASN B 103 -42.49 -20.15 -10.09
N GLU B 104 -43.30 -19.33 -9.42
CA GLU B 104 -42.81 -18.35 -8.44
C GLU B 104 -41.81 -19.04 -7.48
N ASN B 105 -40.65 -18.42 -7.25
CA ASN B 105 -39.69 -18.92 -6.24
C ASN B 105 -39.66 -17.96 -5.03
N PRO B 106 -40.43 -18.28 -3.97
CA PRO B 106 -40.46 -17.28 -2.91
C PRO B 106 -39.15 -17.12 -2.11
N GLU B 107 -38.20 -18.06 -2.25
CA GLU B 107 -36.94 -18.04 -1.49
C GLU B 107 -35.87 -16.99 -1.97
N ILE B 108 -36.07 -16.34 -3.12
CA ILE B 108 -35.13 -15.32 -3.62
C ILE B 108 -35.83 -14.02 -3.99
N PRO B 109 -35.17 -12.87 -3.82
CA PRO B 109 -35.85 -11.59 -4.06
C PRO B 109 -36.39 -11.35 -5.51
N THR B 110 -35.75 -11.93 -6.53
CA THR B 110 -36.22 -11.80 -7.92
C THR B 110 -37.16 -12.95 -8.25
N GLY B 111 -37.58 -13.65 -7.21
CA GLY B 111 -38.28 -14.91 -7.39
C GLY B 111 -39.62 -14.84 -8.09
N GLN B 112 -40.16 -13.64 -8.24
CA GLN B 112 -41.44 -13.48 -8.91
C GLN B 112 -41.31 -13.23 -10.40
N ILE B 113 -40.10 -13.02 -10.87
CA ILE B 113 -39.91 -12.63 -12.26
C ILE B 113 -38.86 -13.50 -12.91
N GLU B 114 -38.80 -13.38 -14.23
CA GLU B 114 -37.71 -13.98 -15.04
C GLU B 114 -37.41 -13.05 -16.20
N VAL B 115 -36.25 -13.23 -16.81
CA VAL B 115 -35.95 -12.57 -18.06
C VAL B 115 -36.16 -13.52 -19.26
N ASN B 116 -37.12 -13.20 -20.10
CA ASN B 116 -37.32 -13.92 -21.36
C ASN B 116 -36.29 -13.44 -22.37
N ALA B 117 -35.34 -14.29 -22.72
CA ALA B 117 -34.16 -13.84 -23.47
C ALA B 117 -34.38 -13.63 -24.94
N THR B 118 -33.80 -12.55 -25.44
CA THR B 118 -33.87 -12.15 -26.85
C THR B 118 -32.54 -12.38 -27.56
N GLU B 119 -31.43 -12.15 -26.87
CA GLU B 119 -30.06 -12.23 -27.42
C GLU B 119 -29.11 -12.81 -26.37
N LEU B 120 -28.13 -13.59 -26.80
CA LEU B 120 -27.20 -14.25 -25.87
C LEU B 120 -25.81 -14.18 -26.41
N THR B 121 -24.85 -13.85 -25.56
CA THR B 121 -23.45 -13.81 -25.95
C THR B 121 -22.64 -14.53 -24.89
N VAL B 122 -21.82 -15.47 -25.31
CA VAL B 122 -21.01 -16.23 -24.38
C VAL B 122 -19.71 -15.47 -24.29
N LEU B 123 -19.43 -14.88 -23.13
CA LEU B 123 -18.21 -14.10 -22.96
C LEU B 123 -17.05 -15.00 -22.58
N GLY B 124 -17.35 -16.09 -21.88
CA GLY B 124 -16.29 -17.09 -21.56
C GLY B 124 -16.83 -18.47 -21.16
N GLU B 125 -16.36 -19.49 -21.83
CA GLU B 125 -16.86 -20.85 -21.58
C GLU B 125 -16.26 -21.31 -20.31
N SER B 126 -16.88 -22.32 -19.72
CA SER B 126 -16.26 -23.01 -18.59
C SER B 126 -16.22 -24.47 -18.87
N ALA B 127 -15.07 -25.08 -18.69
CA ALA B 127 -14.91 -26.51 -18.65
C ALA B 127 -15.63 -27.08 -17.44
N PRO B 128 -15.70 -28.40 -17.33
CA PRO B 128 -16.20 -29.02 -16.07
C PRO B 128 -15.37 -28.63 -14.86
N LEU B 129 -16.04 -28.42 -13.75
CA LEU B 129 -15.38 -27.78 -12.63
C LEU B 129 -14.71 -28.80 -11.80
N PRO B 130 -13.62 -28.44 -11.19
CA PRO B 130 -13.03 -29.34 -10.21
C PRO B 130 -13.99 -29.63 -9.03
N PHE B 131 -14.83 -28.67 -8.68
CA PHE B 131 -15.91 -28.89 -7.73
C PHE B 131 -17.05 -27.95 -8.06
N GLN B 132 -18.26 -28.37 -7.76
CA GLN B 132 -19.44 -27.54 -7.96
C GLN B 132 -19.50 -26.52 -6.83
N LEU B 133 -20.19 -25.41 -7.05
CA LEU B 133 -20.18 -24.34 -6.06
C LEU B 133 -20.96 -24.69 -4.77
N ASP B 134 -21.87 -25.66 -4.83
CA ASP B 134 -22.63 -26.04 -3.66
C ASP B 134 -21.97 -27.17 -2.85
N GLU B 135 -20.83 -27.69 -3.31
CA GLU B 135 -19.96 -28.52 -2.46
C GLU B 135 -18.91 -27.65 -1.80
N GLN B 136 -18.40 -28.13 -0.66
CA GLN B 136 -17.10 -27.66 -0.12
C GLN B 136 -16.16 -28.84 -0.29
N ALA B 137 -15.00 -28.52 -0.83
CA ALA B 137 -14.04 -29.51 -1.23
C ALA B 137 -12.93 -29.44 -0.22
N GLY B 138 -11.89 -30.24 -0.44
CA GLY B 138 -10.69 -30.17 0.38
C GLY B 138 -10.05 -28.80 0.35
N GLU B 139 -9.40 -28.46 1.46
CA GLU B 139 -8.63 -27.21 1.56
C GLU B 139 -7.70 -27.02 0.35
N GLU B 140 -7.01 -28.07 -0.10
CA GLU B 140 -5.98 -27.95 -1.15
C GLU B 140 -6.64 -27.57 -2.46
N ALA B 141 -7.75 -28.23 -2.78
CA ALA B 141 -8.51 -27.89 -3.95
C ALA B 141 -9.12 -26.50 -3.84
N ARG B 142 -9.63 -26.11 -2.67
CA ARG B 142 -10.22 -24.78 -2.55
C ARG B 142 -9.16 -23.71 -2.70
N LEU B 143 -7.95 -23.94 -2.18
CA LEU B 143 -6.88 -22.96 -2.40
C LEU B 143 -6.35 -23.00 -3.82
N LYS B 144 -6.18 -24.19 -4.38
CA LYS B 144 -5.74 -24.31 -5.75
C LYS B 144 -6.66 -23.56 -6.72
N TYR B 145 -7.98 -23.67 -6.50
CA TYR B 145 -8.98 -22.99 -7.31
C TYR B 145 -9.70 -21.93 -6.48
N ARG B 146 -8.92 -21.16 -5.74
CA ARG B 146 -9.46 -20.13 -4.90
C ARG B 146 -10.37 -19.18 -5.62
N TYR B 147 -10.04 -18.94 -6.88
CA TYR B 147 -10.86 -18.05 -7.70
C TYR B 147 -12.24 -18.66 -7.91
N LEU B 148 -12.41 -19.97 -7.92
CA LEU B 148 -13.77 -20.52 -7.98
C LEU B 148 -14.43 -20.53 -6.59
N ASP B 149 -13.64 -20.86 -5.57
CA ASP B 149 -14.11 -20.83 -4.20
C ASP B 149 -14.77 -19.50 -3.87
N LEU B 150 -14.12 -18.41 -4.27
CA LEU B 150 -14.62 -17.06 -3.98
C LEU B 150 -15.95 -16.71 -4.66
N ARG B 151 -16.36 -17.49 -5.65
CA ARG B 151 -17.66 -17.31 -6.21
C ARG B 151 -18.74 -17.83 -5.26
N ARG B 152 -18.39 -18.62 -4.25
CA ARG B 152 -19.43 -19.16 -3.33
C ARG B 152 -19.81 -18.05 -2.34
N GLU B 153 -21.06 -18.01 -1.94
CA GLU B 153 -21.58 -16.90 -1.16
C GLU B 153 -20.71 -16.57 0.07
N GLY B 154 -20.35 -17.61 0.80
CA GLY B 154 -19.67 -17.47 2.04
C GLY B 154 -18.33 -16.82 1.90
N PRO B 155 -17.44 -17.39 1.09
CA PRO B 155 -16.09 -16.84 0.94
C PRO B 155 -16.06 -15.44 0.37
N GLY B 156 -16.88 -15.18 -0.63
CA GLY B 156 -16.95 -13.84 -1.19
C GLY B 156 -17.49 -12.77 -0.24
N ASN B 157 -18.52 -13.09 0.52
CA ASN B 157 -18.99 -12.15 1.56
C ASN B 157 -17.96 -11.92 2.66
N ALA B 158 -17.11 -12.91 2.91
CA ALA B 158 -16.04 -12.72 3.85
C ALA B 158 -15.14 -11.57 3.40
N LEU B 159 -14.78 -11.57 2.13
CA LEU B 159 -13.91 -10.52 1.59
C LEU B 159 -14.63 -9.18 1.58
N ARG B 160 -15.93 -9.17 1.30
CA ARG B 160 -16.67 -7.90 1.28
C ARG B 160 -16.74 -7.30 2.66
N LEU B 161 -16.90 -8.17 3.65
CA LEU B 161 -16.98 -7.76 5.04
C LEU B 161 -15.67 -7.15 5.50
N ARG B 162 -14.58 -7.80 5.12
CA ARG B 162 -13.26 -7.37 5.54
C ARG B 162 -13.02 -5.95 5.03
N SER B 163 -13.48 -5.64 3.82
CA SER B 163 -13.34 -4.31 3.32
C SER B 163 -14.10 -3.30 4.18
N LYS B 164 -15.27 -3.71 4.62
CA LYS B 164 -16.10 -2.87 5.49
C LYS B 164 -15.46 -2.68 6.86
N VAL B 165 -14.81 -3.73 7.35
CA VAL B 165 -14.13 -3.68 8.60
C VAL B 165 -12.95 -2.72 8.54
N ASN B 166 -12.21 -2.73 7.43
CA ASN B 166 -11.15 -1.75 7.26
C ASN B 166 -11.73 -0.35 7.32
N ALA B 167 -12.85 -0.11 6.63
CA ALA B 167 -13.46 1.26 6.62
C ALA B 167 -13.94 1.72 7.97
N ALA B 168 -14.49 0.79 8.74
CA ALA B 168 -15.02 1.16 10.04
C ALA B 168 -13.89 1.63 10.98
N ALA B 169 -12.76 0.92 10.92
CA ALA B 169 -11.60 1.32 11.68
C ALA B 169 -11.05 2.67 11.18
N ARG B 170 -10.93 2.85 9.86
CA ARG B 170 -10.36 4.09 9.37
C ARG B 170 -11.22 5.30 9.73
N SER B 171 -12.51 5.10 9.78
CA SER B 171 -13.43 6.19 10.02
C SER B 171 -13.32 6.73 11.43
N VAL B 172 -13.17 5.82 12.40
CA VAL B 172 -12.96 6.21 13.80
C VAL B 172 -11.61 6.89 13.98
N LEU B 173 -10.59 6.35 13.37
CA LEU B 173 -9.24 6.91 13.55
C LEU B 173 -9.05 8.31 12.92
N ALA B 174 -9.55 8.50 11.69
CA ALA B 174 -9.64 9.82 11.05
C ALA B 174 -10.43 10.85 11.87
N GLU B 175 -11.58 10.44 12.41
CA GLU B 175 -12.39 11.27 13.31
C GLU B 175 -11.66 11.68 14.58
N HIS B 176 -10.66 10.91 14.98
CA HIS B 176 -9.82 11.23 16.14
C HIS B 176 -8.43 11.72 15.76
N ASP B 177 -8.33 12.24 14.53
CA ASP B 177 -7.14 12.91 14.06
C ASP B 177 -5.89 12.06 13.93
N PHE B 178 -6.05 10.79 13.57
CA PHE B 178 -4.88 9.95 13.27
C PHE B 178 -4.54 10.12 11.80
N VAL B 179 -3.25 10.02 11.47
CA VAL B 179 -2.75 10.22 10.13
C VAL B 179 -2.36 8.84 9.63
N GLU B 180 -2.82 8.42 8.47
CA GLU B 180 -2.43 7.13 7.97
C GLU B 180 -1.04 7.28 7.36
N ILE B 181 -0.12 6.42 7.75
CA ILE B 181 1.27 6.53 7.29
C ILE B 181 1.90 5.19 6.92
N GLU B 182 2.43 5.11 5.71
CA GLU B 182 3.00 3.89 5.19
C GLU B 182 4.46 3.84 5.57
N THR B 183 4.86 2.67 6.07
CA THR B 183 6.24 2.45 6.50
C THR B 183 6.93 1.42 5.58
N PRO B 184 8.25 1.45 5.56
CA PRO B 184 8.99 0.54 4.68
C PRO B 184 8.84 -0.96 4.97
N THR B 185 9.04 -1.75 3.92
CA THR B 185 9.20 -3.17 4.05
C THR B 185 10.57 -3.69 3.68
N LEU B 186 11.40 -2.91 2.99
CA LEU B 186 12.78 -3.32 2.75
C LEU B 186 13.66 -2.59 3.72
N THR B 187 13.94 -3.21 4.86
CA THR B 187 14.55 -2.50 5.98
C THR B 187 15.52 -3.36 6.74
N ARG B 188 15.79 -2.96 7.98
CA ARG B 188 16.47 -3.79 9.01
C ARG B 188 15.46 -4.53 9.90
N SER B 189 15.91 -5.61 10.51
CA SER B 189 15.09 -6.47 11.41
C SER B 189 14.50 -5.78 12.69
N THR B 190 13.19 -5.95 12.93
CA THR B 190 12.61 -5.71 14.30
C THR B 190 12.21 -7.05 15.01
N PRO B 191 12.60 -7.23 16.28
CA PRO B 191 12.29 -8.50 16.95
C PRO B 191 10.88 -8.52 17.57
N GLU B 192 10.00 -9.33 16.98
CA GLU B 192 8.64 -9.61 17.49
C GLU B 192 8.51 -11.11 17.92
N GLY B 193 9.64 -11.77 18.19
CA GLY B 193 9.65 -13.19 18.55
C GLY B 193 9.72 -14.23 17.43
N ALA B 194 9.94 -13.81 16.18
CA ALA B 194 10.09 -14.76 15.09
C ALA B 194 11.44 -14.58 14.36
N ARG B 195 11.65 -15.38 13.31
CA ARG B 195 12.75 -15.20 12.37
C ARG B 195 12.37 -14.23 11.24
N ASP B 196 13.37 -13.61 10.64
CA ASP B 196 13.13 -12.66 9.57
C ASP B 196 13.11 -13.34 8.23
N PHE B 197 12.24 -12.87 7.35
CA PHE B 197 12.36 -13.19 5.95
C PHE B 197 13.37 -12.23 5.32
N LEU B 198 14.30 -12.74 4.53
CA LEU B 198 15.38 -11.93 3.96
C LEU B 198 15.25 -11.67 2.47
N VAL B 199 15.89 -10.60 2.00
CA VAL B 199 15.90 -10.24 0.59
C VAL B 199 17.31 -9.85 0.21
N PRO B 200 17.93 -10.65 -0.63
CA PRO B 200 19.26 -10.27 -1.10
C PRO B 200 19.28 -9.00 -1.97
N ALA B 201 20.29 -8.17 -1.75
CA ALA B 201 20.46 -6.89 -2.43
C ALA B 201 21.49 -7.03 -3.49
N ARG B 202 21.02 -6.97 -4.73
CA ARG B 202 21.84 -7.19 -5.90
C ARG B 202 23.01 -6.23 -5.97
N LEU B 203 22.77 -4.98 -5.61
CA LEU B 203 23.78 -3.90 -5.71
C LEU B 203 24.74 -3.87 -4.54
N GLN B 204 24.42 -4.57 -3.46
CA GLN B 204 25.37 -4.78 -2.38
C GLN B 204 25.65 -6.26 -2.13
N PRO B 205 26.46 -6.87 -2.99
CA PRO B 205 26.67 -8.29 -2.82
C PRO B 205 27.00 -8.69 -1.39
N GLY B 206 26.24 -9.66 -0.88
CA GLY B 206 26.46 -10.26 0.42
C GLY B 206 25.56 -9.67 1.47
N SER B 207 24.76 -8.68 1.12
CA SER B 207 23.93 -7.98 2.11
C SER B 207 22.48 -8.26 1.83
N PHE B 208 21.64 -7.99 2.82
CA PHE B 208 20.23 -8.32 2.79
C PHE B 208 19.39 -7.25 3.42
N TYR B 209 18.20 -7.07 2.88
CA TYR B 209 17.14 -6.42 3.57
C TYR B 209 16.40 -7.48 4.38
N ALA B 210 15.67 -7.02 5.39
CA ALA B 210 14.76 -7.86 6.11
C ALA B 210 13.35 -7.33 5.92
N LEU B 211 12.41 -8.20 5.59
CA LEU B 211 11.02 -7.81 5.64
C LEU B 211 10.71 -7.66 7.13
N PRO B 212 9.84 -6.71 7.48
CA PRO B 212 9.62 -6.32 8.87
C PRO B 212 8.63 -7.20 9.60
N GLN B 213 8.95 -7.54 10.84
CA GLN B 213 8.03 -8.33 11.64
C GLN B 213 6.85 -7.51 12.11
N SER B 214 7.03 -6.20 12.22
CA SER B 214 5.95 -5.24 12.44
C SER B 214 6.55 -3.88 12.17
N PRO B 215 5.72 -2.83 12.08
CA PRO B 215 6.29 -1.48 11.91
C PRO B 215 6.86 -0.83 13.20
N GLN B 216 6.98 -1.61 14.27
CA GLN B 216 7.31 -1.10 15.60
C GLN B 216 8.35 0.03 15.57
N LEU B 217 9.50 -0.22 14.98
CA LEU B 217 10.56 0.76 15.04
C LEU B 217 10.16 2.02 14.29
N PHE B 218 9.50 1.86 13.17
CA PHE B 218 9.13 3.00 12.41
C PHE B 218 8.08 3.81 13.11
N LYS B 219 7.15 3.16 13.80
CA LYS B 219 6.06 3.92 14.39
C LYS B 219 6.56 4.74 15.58
N GLN B 220 7.55 4.20 16.28
CA GLN B 220 8.24 4.97 17.31
C GLN B 220 8.99 6.19 16.72
N LEU B 221 9.71 6.01 15.63
CA LEU B 221 10.35 7.14 14.94
C LEU B 221 9.32 8.19 14.55
N LEU B 222 8.15 7.74 14.14
CA LEU B 222 7.10 8.66 13.75
C LEU B 222 6.62 9.51 14.93
N MET B 223 6.72 8.99 16.16
CA MET B 223 6.32 9.74 17.33
C MET B 223 7.44 10.73 17.65
N VAL B 224 8.70 10.31 17.43
CA VAL B 224 9.79 11.22 17.55
C VAL B 224 9.68 12.33 16.47
N ALA B 225 9.10 11.97 15.32
CA ALA B 225 8.95 12.93 14.24
C ALA B 225 7.83 13.94 14.49
N GLY B 226 7.10 13.80 15.59
CA GLY B 226 6.09 14.78 15.87
C GLY B 226 4.75 14.54 15.18
N MET B 227 4.53 13.35 14.62
CA MET B 227 3.26 13.02 14.00
C MET B 227 2.11 12.79 14.99
N GLU B 228 2.45 12.48 16.24
CA GLU B 228 1.49 12.51 17.36
C GLU B 228 0.45 11.39 17.40
N ARG B 229 -0.22 11.08 16.29
CA ARG B 229 -1.18 9.97 16.21
C ARG B 229 -1.13 9.32 14.86
N TYR B 230 -0.56 8.12 14.82
CA TYR B 230 -0.33 7.36 13.61
C TYR B 230 -1.18 6.10 13.57
N TYR B 231 -1.63 5.74 12.37
CA TYR B 231 -2.10 4.39 12.10
C TYR B 231 -1.68 3.87 10.73
N GLN B 232 -1.70 2.56 10.61
CA GLN B 232 -1.45 1.90 9.33
C GLN B 232 -2.15 0.55 9.37
N ILE B 233 -2.75 0.18 8.27
CA ILE B 233 -3.11 -1.18 8.05
C ILE B 233 -1.96 -1.76 7.26
N ALA B 234 -1.10 -2.46 7.96
CA ALA B 234 0.23 -2.83 7.50
C ALA B 234 0.44 -4.33 7.39
N ARG B 235 1.36 -4.69 6.51
CA ARG B 235 1.70 -6.06 6.24
C ARG B 235 2.92 -6.45 7.05
N CYS B 236 2.84 -7.60 7.70
CA CYS B 236 3.87 -8.08 8.60
C CYS B 236 4.32 -9.42 8.16
N TYR B 237 5.59 -9.73 8.42
CA TYR B 237 6.23 -10.91 7.88
C TYR B 237 7.00 -11.58 8.98
N ARG B 238 6.59 -12.81 9.30
CA ARG B 238 7.24 -13.59 10.35
C ARG B 238 7.37 -15.02 9.93
N ASP B 239 8.59 -15.51 9.94
CA ASP B 239 8.89 -16.88 9.62
C ASP B 239 8.85 -17.71 10.92
N GLU B 240 7.85 -18.60 11.06
CA GLU B 240 7.52 -19.32 12.31
C GLU B 240 7.23 -20.80 11.97
N ASP B 241 6.83 -21.60 12.97
CA ASP B 241 6.09 -22.90 12.76
C ASP B 241 4.63 -22.67 12.19
N PHE B 242 4.08 -23.63 11.43
CA PHE B 242 2.75 -23.43 10.80
C PHE B 242 1.69 -24.40 11.29
N ASP B 245 -2.88 -22.95 11.55
CA ASP B 245 -3.47 -21.68 11.13
C ASP B 245 -2.52 -20.47 11.33
N ARG B 246 -1.37 -20.46 10.64
CA ARG B 246 -0.45 -19.33 10.71
C ARG B 246 0.10 -19.01 9.33
N GLN B 247 0.04 -17.74 8.98
CA GLN B 247 0.44 -17.26 7.67
C GLN B 247 1.76 -16.53 7.80
N PRO B 248 2.62 -16.70 6.82
CA PRO B 248 3.90 -16.01 6.82
C PRO B 248 3.81 -14.51 6.62
N GLU B 249 2.76 -14.03 5.98
CA GLU B 249 2.50 -12.60 5.98
C GLU B 249 1.08 -12.40 6.46
N PHE B 250 0.85 -11.31 7.14
CA PHE B 250 -0.45 -11.07 7.73
C PHE B 250 -0.62 -9.59 7.97
N THR B 251 -1.79 -9.20 8.39
CA THR B 251 -2.15 -7.82 8.44
C THR B 251 -2.37 -7.38 9.87
N GLN B 252 -1.84 -6.20 10.18
CA GLN B 252 -2.08 -5.56 11.46
C GLN B 252 -2.74 -4.20 11.25
N LEU B 253 -3.68 -3.85 12.15
CA LEU B 253 -4.07 -2.46 12.32
C LEU B 253 -3.13 -1.97 13.37
N ASP B 254 -2.25 -1.05 13.00
CA ASP B 254 -1.12 -0.65 13.85
C ASP B 254 -1.35 0.80 14.23
N MET B 255 -1.18 1.13 15.50
CA MET B 255 -1.45 2.47 16.04
C MET B 255 -0.34 2.90 16.99
N GLU B 256 -0.06 4.20 17.01
CA GLU B 256 0.88 4.78 17.99
C GLU B 256 0.48 6.19 18.32
N MET B 257 0.68 6.60 19.58
CA MET B 257 0.32 7.94 20.04
C MET B 257 1.39 8.52 20.91
N SER B 258 1.51 9.84 20.91
CA SER B 258 2.42 10.54 21.79
C SER B 258 1.70 11.03 22.98
N PHE B 259 2.47 11.25 24.05
CA PHE B 259 2.00 11.95 25.24
C PHE B 259 0.79 11.24 25.84
N VAL B 260 0.87 9.91 25.91
CA VAL B 260 -0.24 9.11 26.41
C VAL B 260 0.17 8.20 27.56
N GLU B 261 -0.83 7.71 28.26
CA GLU B 261 -0.67 6.53 29.09
C GLU B 261 -1.62 5.47 28.64
N ALA B 262 -1.40 4.28 29.14
CA ALA B 262 -2.19 3.13 28.72
C ALA B 262 -3.67 3.41 28.56
N ASP B 263 -4.31 4.03 29.56
CA ASP B 263 -5.74 4.35 29.47
C ASP B 263 -6.09 5.07 28.15
N ASP B 264 -5.26 5.99 27.71
CA ASP B 264 -5.56 6.71 26.48
C ASP B 264 -5.54 5.76 25.29
N VAL B 265 -4.57 4.85 25.27
CA VAL B 265 -4.52 3.88 24.19
C VAL B 265 -5.71 2.92 24.23
N ILE B 266 -6.08 2.50 25.43
CA ILE B 266 -7.21 1.59 25.60
C ILE B 266 -8.51 2.27 25.14
N ALA B 267 -8.70 3.50 25.57
CA ALA B 267 -9.91 4.23 25.25
C ALA B 267 -10.13 4.30 23.75
N ILE B 268 -9.08 4.67 22.99
CA ILE B 268 -9.22 4.77 21.52
C ILE B 268 -9.30 3.39 20.87
N SER B 269 -8.67 2.40 21.47
CA SER B 269 -8.78 1.04 20.97
C SER B 269 -10.24 0.59 21.10
N GLU B 270 -10.88 0.94 22.21
CA GLU B 270 -12.27 0.56 22.42
C GLU B 270 -13.20 1.18 21.38
N GLN B 271 -12.96 2.43 21.01
CA GLN B 271 -13.79 3.05 19.97
C GLN B 271 -13.70 2.29 18.65
N VAL B 272 -12.47 1.90 18.30
CA VAL B 272 -12.19 1.11 17.07
C VAL B 272 -12.84 -0.27 17.10
N LEU B 273 -12.80 -0.95 18.26
CA LEU B 273 -13.51 -2.21 18.43
C LEU B 273 -15.04 -2.03 18.34
N LYS B 274 -15.58 -0.97 18.93
CA LYS B 274 -16.98 -0.69 18.74
C LYS B 274 -17.37 -0.49 17.29
N ALA B 275 -16.59 0.26 16.52
CA ALA B 275 -17.07 0.55 15.16
C ALA B 275 -17.04 -0.72 14.32
N VAL B 276 -16.10 -1.58 14.69
CA VAL B 276 -15.79 -2.77 13.93
C VAL B 276 -16.86 -3.86 14.16
N TRP B 277 -17.23 -4.08 15.42
CA TRP B 277 -18.30 -5.01 15.70
C TRP B 277 -19.64 -4.46 15.21
N ALA B 278 -19.79 -3.14 15.08
CA ALA B 278 -21.03 -2.58 14.47
C ALA B 278 -21.22 -3.02 13.02
N THR B 279 -20.15 -3.45 12.34
CA THR B 279 -20.26 -3.91 10.96
C THR B 279 -21.09 -5.22 10.83
N ILE B 280 -21.18 -6.02 11.90
CA ILE B 280 -22.13 -7.19 11.93
C ILE B 280 -23.35 -6.94 12.87
N GLY B 281 -23.55 -5.68 13.25
CA GLY B 281 -24.77 -5.27 13.95
C GLY B 281 -24.78 -5.55 15.43
N TYR B 282 -23.61 -5.76 16.01
CA TYR B 282 -23.48 -5.88 17.44
C TYR B 282 -23.03 -4.52 18.05
N ASP B 283 -23.79 -4.07 19.04
CA ASP B 283 -23.54 -2.84 19.76
C ASP B 283 -22.64 -3.21 20.96
N LEU B 284 -21.35 -2.89 20.85
CA LEU B 284 -20.37 -3.31 21.87
C LEU B 284 -20.47 -2.44 23.11
N PRO B 285 -20.76 -3.03 24.27
CA PRO B 285 -20.85 -2.22 25.46
C PRO B 285 -19.49 -1.75 25.91
N LEU B 286 -19.37 -0.47 26.24
CA LEU B 286 -18.10 0.07 26.74
C LEU B 286 -18.24 0.65 28.14
N PRO B 287 -17.16 0.63 28.93
CA PRO B 287 -15.84 0.13 28.61
C PRO B 287 -15.75 -1.37 28.86
N LEU B 288 -14.68 -1.97 28.36
CA LEU B 288 -14.50 -3.41 28.42
C LEU B 288 -13.95 -3.85 29.76
N PRO B 289 -14.20 -5.10 30.15
CA PRO B 289 -13.55 -5.59 31.36
C PRO B 289 -12.02 -5.58 31.26
N ARG B 290 -11.37 -5.56 32.43
CA ARG B 290 -9.93 -5.69 32.56
C ARG B 290 -9.65 -6.65 33.70
N ILE B 291 -8.54 -7.37 33.56
CA ILE B 291 -8.12 -8.32 34.55
C ILE B 291 -6.58 -8.36 34.45
N SER B 292 -5.90 -8.51 35.56
CA SER B 292 -4.44 -8.58 35.54
C SER B 292 -3.97 -9.92 34.98
N TYR B 293 -2.76 -9.95 34.44
CA TYR B 293 -2.13 -11.21 34.11
C TYR B 293 -2.26 -12.19 35.30
N GLU B 294 -1.80 -11.80 36.49
CA GLU B 294 -1.71 -12.71 37.64
C GLU B 294 -3.03 -13.43 37.89
N GLU B 295 -4.12 -12.67 37.73
CA GLU B 295 -5.45 -13.15 38.04
C GLU B 295 -6.02 -14.00 36.91
N ALA B 296 -5.69 -13.64 35.68
CA ALA B 296 -6.06 -14.43 34.51
C ALA B 296 -5.40 -15.80 34.55
N MET B 297 -4.12 -15.85 34.86
CA MET B 297 -3.45 -17.14 35.01
C MET B 297 -4.06 -17.89 36.20
N ARG B 298 -4.32 -17.20 37.31
CA ARG B 298 -4.81 -17.84 38.51
C ARG B 298 -6.15 -18.53 38.27
N ARG B 299 -7.07 -17.82 37.63
CA ARG B 299 -8.44 -18.28 37.52
C ARG B 299 -8.74 -19.04 36.24
N PHE B 300 -7.99 -18.78 35.18
CA PHE B 300 -8.32 -19.37 33.90
C PHE B 300 -7.20 -20.16 33.26
N GLY B 301 -6.02 -20.10 33.86
CA GLY B 301 -4.87 -20.84 33.34
C GLY B 301 -4.32 -20.30 32.03
N SER B 302 -4.63 -19.06 31.72
CA SER B 302 -4.33 -18.54 30.39
C SER B 302 -4.27 -17.04 30.38
N ASP B 303 -3.29 -16.46 29.71
CA ASP B 303 -3.32 -15.02 29.48
C ASP B 303 -4.24 -14.59 28.32
N LYS B 304 -4.84 -15.56 27.61
CA LYS B 304 -5.87 -15.31 26.58
C LYS B 304 -7.21 -16.00 27.01
N PRO B 305 -7.80 -15.57 28.14
CA PRO B 305 -8.90 -16.39 28.69
C PRO B 305 -10.21 -16.31 27.94
N ASP B 306 -10.87 -17.46 27.82
CA ASP B 306 -12.21 -17.54 27.25
C ASP B 306 -13.20 -17.34 28.40
N LEU B 307 -13.92 -16.22 28.39
CA LEU B 307 -14.85 -15.86 29.49
C LEU B 307 -16.33 -16.08 29.13
N ARG B 308 -16.59 -16.89 28.12
CA ARG B 308 -17.97 -17.24 27.77
C ARG B 308 -18.50 -18.33 28.72
N PHE B 309 -17.67 -18.80 29.64
CA PHE B 309 -18.09 -19.79 30.62
C PHE B 309 -17.28 -19.73 31.92
N GLY B 310 -17.74 -20.45 32.94
CA GLY B 310 -17.05 -20.50 34.23
C GLY B 310 -15.96 -21.55 34.23
N ILE B 311 -16.18 -22.61 35.00
CA ILE B 311 -15.23 -23.70 35.17
C ILE B 311 -13.85 -23.14 35.52
N GLU B 312 -13.80 -22.34 36.58
CA GLU B 312 -12.55 -21.66 36.98
C GLU B 312 -11.61 -22.60 37.69
N LEU B 313 -10.33 -22.24 37.69
CA LEU B 313 -9.36 -23.00 38.45
C LEU B 313 -9.56 -22.65 39.92
N VAL B 314 -9.40 -23.65 40.80
CA VAL B 314 -9.35 -23.45 42.25
C VAL B 314 -8.01 -23.95 42.78
N GLU B 315 -7.27 -23.04 43.38
CA GLU B 315 -5.91 -23.34 43.86
C GLU B 315 -6.02 -24.30 45.05
N CYS B 316 -5.19 -25.35 45.02
CA CYS B 316 -5.17 -26.44 45.99
C CYS B 316 -3.80 -26.57 46.55
N THR B 317 -3.23 -25.39 46.83
CA THR B 317 -1.95 -25.31 47.47
C THR B 317 -2.08 -25.29 49.00
N GLU B 318 -3.14 -24.69 49.52
CA GLU B 318 -3.38 -24.59 50.96
C GLU B 318 -4.36 -25.63 51.45
N TYR B 319 -4.70 -26.64 50.63
CA TYR B 319 -5.07 -27.97 51.11
C TYR B 319 -3.78 -28.81 50.91
N PHE B 320 -2.96 -28.68 52.07
CA PHE B 320 -1.54 -29.17 52.19
C PHE B 320 -0.99 -29.94 50.95
N PRO B 331 5.11 -28.15 44.07
CA PRO B 331 4.98 -26.68 44.05
C PRO B 331 3.54 -26.15 43.86
N TYR B 332 2.77 -26.81 43.00
CA TYR B 332 1.43 -26.35 42.68
C TYR B 332 0.47 -27.50 42.55
N VAL B 333 -0.70 -27.32 43.17
CA VAL B 333 -1.82 -28.22 42.94
C VAL B 333 -3.06 -27.35 42.72
N GLY B 334 -3.84 -27.69 41.71
CA GLY B 334 -5.04 -26.96 41.39
C GLY B 334 -6.10 -27.95 40.96
N ALA B 335 -7.31 -27.42 40.85
CA ALA B 335 -8.47 -28.21 40.48
C ALA B 335 -9.39 -27.48 39.50
N VAL B 336 -10.11 -28.22 38.65
CA VAL B 336 -11.34 -27.73 38.03
C VAL B 336 -12.47 -28.76 38.14
N VAL B 337 -13.69 -28.23 38.26
CA VAL B 337 -14.88 -29.04 38.50
C VAL B 337 -15.76 -29.16 37.24
N MET B 338 -16.07 -30.40 36.86
CA MET B 338 -16.94 -30.72 35.73
C MET B 338 -18.38 -31.07 36.18
N PRO B 339 -19.39 -30.22 35.89
CA PRO B 339 -20.78 -30.53 36.31
C PRO B 339 -21.39 -31.83 35.73
N TRP B 352 -10.24 -38.05 28.95
CA TRP B 352 -9.59 -37.07 29.81
C TRP B 352 -8.08 -37.34 29.98
N GLN B 353 -7.71 -38.58 30.27
CA GLN B 353 -6.29 -38.95 30.34
C GLN B 353 -5.65 -38.80 28.95
N GLU B 354 -6.28 -39.35 27.92
CA GLU B 354 -5.77 -39.17 26.57
C GLU B 354 -5.54 -37.66 26.32
N PHE B 355 -6.56 -36.85 26.59
CA PHE B 355 -6.49 -35.39 26.45
C PHE B 355 -5.17 -34.78 26.94
N ALA B 356 -4.80 -35.11 28.18
CA ALA B 356 -3.59 -34.58 28.81
C ALA B 356 -2.29 -35.06 28.16
N LYS B 357 -2.22 -36.36 27.87
CA LYS B 357 -1.05 -36.94 27.22
C LYS B 357 -0.79 -36.26 25.87
N GLN B 358 -1.84 -36.17 25.04
CA GLN B 358 -1.72 -35.69 23.65
C GLN B 358 -1.23 -34.25 23.52
N ARG B 359 -1.46 -33.42 24.54
CA ARG B 359 -1.13 -31.98 24.53
C ARG B 359 -0.01 -31.56 25.53
N GLY B 360 0.86 -32.48 25.96
CA GLY B 360 1.89 -32.20 26.99
C GLY B 360 1.66 -32.99 28.27
N PHE B 404 -10.45 -33.03 37.20
CA PHE B 404 -10.16 -33.00 38.65
C PHE B 404 -8.94 -32.07 38.94
N PHE B 405 -7.72 -32.63 38.92
CA PHE B 405 -6.57 -32.00 39.58
C PHE B 405 -5.32 -32.11 38.71
N ALA B 406 -4.49 -31.08 38.75
CA ALA B 406 -3.22 -31.11 38.05
C ALA B 406 -2.20 -30.64 39.06
N ALA B 407 -1.05 -31.30 39.05
CA ALA B 407 0.01 -31.01 40.00
C ALA B 407 1.37 -31.05 39.33
N GLY B 408 2.17 -30.05 39.63
CA GLY B 408 3.54 -29.99 39.17
C GLY B 408 4.03 -28.57 39.31
N PRO B 409 5.00 -28.17 38.46
CA PRO B 409 5.35 -26.76 38.38
C PRO B 409 4.12 -25.93 38.06
N ALA B 410 3.97 -24.79 38.72
CA ALA B 410 2.84 -23.90 38.49
C ALA B 410 2.49 -23.62 36.99
N LYS B 411 3.46 -23.23 36.15
CA LYS B 411 3.16 -22.81 34.75
C LYS B 411 2.55 -23.93 33.90
N GLY B 412 3.07 -25.14 34.00
CA GLY B 412 2.57 -26.29 33.23
C GLY B 412 1.23 -26.84 33.72
N ALA B 413 1.09 -26.95 35.04
CA ALA B 413 -0.18 -27.39 35.65
C ALA B 413 -1.32 -26.43 35.30
N ARG B 414 -1.06 -25.13 35.32
CA ARG B 414 -2.11 -24.16 35.00
C ARG B 414 -2.52 -24.21 33.53
N ALA B 415 -1.58 -24.44 32.63
CA ALA B 415 -1.89 -24.55 31.20
C ALA B 415 -2.76 -25.78 30.94
N LEU B 416 -2.41 -26.89 31.59
CA LEU B 416 -3.20 -28.11 31.48
C LEU B 416 -4.62 -27.90 31.98
N LEU B 417 -4.75 -27.34 33.18
CA LEU B 417 -6.06 -27.02 33.74
C LEU B 417 -6.76 -25.99 32.85
N GLY B 418 -6.01 -25.04 32.29
CA GLY B 418 -6.55 -24.07 31.32
C GLY B 418 -7.14 -24.74 30.09
N ALA B 419 -6.42 -25.74 29.58
CA ALA B 419 -6.92 -26.56 28.45
C ALA B 419 -8.09 -27.46 28.85
N THR B 420 -8.00 -28.07 30.03
CA THR B 420 -9.02 -28.96 30.52
C THR B 420 -10.36 -28.24 30.61
N ARG B 421 -10.34 -27.14 31.30
CA ARG B 421 -11.47 -26.24 31.41
C ARG B 421 -12.17 -26.00 30.05
N ILE B 422 -11.39 -25.73 28.99
CA ILE B 422 -11.95 -25.52 27.64
C ILE B 422 -12.64 -26.83 27.14
N GLU B 423 -11.95 -27.98 27.20
CA GLU B 423 -12.55 -29.29 26.79
C GLU B 423 -13.84 -29.60 27.55
N ILE B 424 -13.86 -29.29 28.83
CA ILE B 424 -15.10 -29.39 29.62
C ILE B 424 -16.23 -28.54 29.01
N ALA B 425 -15.93 -27.30 28.68
CA ALA B 425 -16.94 -26.40 28.07
C ALA B 425 -17.51 -26.95 26.75
N LYS B 426 -16.65 -27.56 25.93
CA LYS B 426 -17.04 -28.14 24.65
C LYS B 426 -17.95 -29.34 24.84
N ARG B 427 -17.53 -30.29 25.68
CA ARG B 427 -18.28 -31.53 25.90
C ARG B 427 -19.66 -31.29 26.51
N LEU B 428 -19.76 -30.35 27.44
CA LEU B 428 -21.06 -30.02 28.05
C LEU B 428 -21.82 -28.87 27.32
N ASP B 429 -21.36 -28.46 26.12
CA ASP B 429 -22.04 -27.45 25.26
C ASP B 429 -22.33 -26.14 26.04
N LEU B 430 -21.31 -25.68 26.76
CA LEU B 430 -21.43 -24.52 27.65
C LEU B 430 -21.14 -23.19 26.98
N ILE B 431 -20.71 -23.18 25.72
CA ILE B 431 -20.35 -21.93 25.02
C ILE B 431 -21.46 -21.41 24.10
N ASP B 432 -22.07 -20.28 24.45
CA ASP B 432 -23.12 -19.70 23.62
C ASP B 432 -22.49 -19.20 22.31
N PRO B 433 -22.83 -19.82 21.15
CA PRO B 433 -22.20 -19.46 19.89
C PRO B 433 -22.39 -18.00 19.46
N ASN B 434 -23.36 -17.28 20.01
CA ASN B 434 -23.56 -15.86 19.69
C ASN B 434 -22.91 -14.87 20.65
N ALA B 435 -22.30 -15.38 21.72
CA ALA B 435 -21.76 -14.51 22.75
C ALA B 435 -20.45 -13.88 22.35
N TRP B 436 -20.25 -12.62 22.73
CA TRP B 436 -18.94 -11.94 22.63
C TRP B 436 -18.44 -11.59 24.04
N ALA B 437 -17.40 -12.28 24.48
CA ALA B 437 -16.80 -12.00 25.78
C ALA B 437 -15.38 -11.42 25.65
N PHE B 438 -15.26 -10.13 25.91
CA PHE B 438 -13.96 -9.41 25.77
C PHE B 438 -13.32 -9.14 27.12
N THR B 439 -12.00 -9.03 27.14
CA THR B 439 -11.32 -8.45 28.28
C THR B 439 -9.94 -8.00 27.93
N TRP B 440 -9.53 -6.91 28.56
CA TRP B 440 -8.13 -6.52 28.55
C TRP B 440 -7.41 -7.36 29.57
N VAL B 441 -6.19 -7.74 29.24
CA VAL B 441 -5.28 -8.33 30.20
C VAL B 441 -4.16 -7.30 30.39
N VAL B 442 -3.99 -6.82 31.63
CA VAL B 442 -3.04 -5.76 31.89
C VAL B 442 -2.07 -6.20 32.99
N ASP B 443 -1.13 -5.31 33.34
CA ASP B 443 -0.14 -5.60 34.38
C ASP B 443 0.65 -6.88 34.08
N PHE B 444 1.04 -7.04 32.80
CA PHE B 444 1.93 -8.14 32.41
C PHE B 444 3.31 -8.01 33.05
N PRO B 445 3.91 -9.14 33.45
CA PRO B 445 5.30 -9.05 33.87
C PRO B 445 6.15 -8.73 32.67
N MET B 446 7.34 -8.19 32.95
CA MET B 446 8.20 -7.68 31.90
C MET B 446 8.94 -8.73 31.10
N PHE B 447 9.39 -9.79 31.77
CA PHE B 447 10.13 -10.84 31.07
C PHE B 447 9.55 -12.24 31.19
N GLU B 448 10.08 -13.10 30.33
CA GLU B 448 9.99 -14.52 30.57
C GLU B 448 11.34 -15.17 30.34
N ALA B 449 11.47 -16.39 30.87
CA ALA B 449 12.68 -17.16 30.66
C ALA B 449 12.87 -17.42 29.15
N ALA B 450 14.13 -17.49 28.68
CA ALA B 450 14.44 -17.86 27.29
C ALA B 450 14.25 -19.38 27.01
N ASP B 451 14.44 -20.21 28.04
CA ASP B 451 14.09 -21.64 27.99
C ASP B 451 12.62 -21.84 27.57
N GLU B 452 11.67 -21.22 28.28
CA GLU B 452 10.21 -21.31 27.97
C GLU B 452 9.83 -20.73 26.57
N ALA B 453 10.61 -19.76 26.09
CA ALA B 453 10.37 -19.12 24.78
C ALA B 453 10.86 -19.95 23.57
N THR B 454 12.09 -20.47 23.64
CA THR B 454 12.67 -21.33 22.58
C THR B 454 11.85 -22.63 22.37
N ALA B 455 11.43 -23.25 23.48
CA ALA B 455 10.63 -24.49 23.42
C ALA B 455 9.12 -24.30 23.11
N ALA B 456 8.63 -23.05 23.17
CA ALA B 456 7.26 -22.74 22.73
C ALA B 456 7.19 -22.27 21.27
N GLY B 457 8.28 -22.46 20.51
CA GLY B 457 8.38 -21.99 19.12
C GLY B 457 8.96 -20.58 18.91
N ASP B 458 8.87 -19.70 19.91
CA ASP B 458 9.37 -18.32 19.79
C ASP B 458 10.92 -18.25 19.65
N VAL B 459 11.40 -17.06 19.27
CA VAL B 459 12.84 -16.72 19.21
C VAL B 459 13.12 -15.69 20.30
N ALA B 460 14.11 -15.97 21.15
CA ALA B 460 14.56 -15.02 22.19
C ALA B 460 15.31 -13.82 21.55
N VAL B 461 15.19 -12.61 22.15
CA VAL B 461 15.90 -11.39 21.66
C VAL B 461 17.45 -11.59 21.58
N GLY B 462 18.03 -12.29 22.56
CA GLY B 462 19.45 -12.71 22.46
C GLY B 462 19.94 -13.88 23.34
N SER B 463 21.26 -13.87 23.60
CA SER B 463 21.98 -14.88 24.42
C SER B 463 21.62 -15.01 25.91
N GLY B 464 20.86 -14.05 26.44
CA GLY B 464 20.60 -13.98 27.86
C GLY B 464 19.53 -14.96 28.31
N ALA B 465 19.58 -15.30 29.60
CA ALA B 465 18.60 -16.18 30.24
C ALA B 465 17.18 -15.58 30.36
N TRP B 466 17.02 -14.28 30.10
CA TRP B 466 15.67 -13.70 29.98
C TRP B 466 15.40 -13.09 28.60
N THR B 467 14.11 -12.96 28.31
CA THR B 467 13.60 -12.31 27.11
C THR B 467 12.26 -11.63 27.40
N ALA B 468 11.87 -10.76 26.49
CA ALA B 468 10.67 -9.96 26.64
C ALA B 468 9.39 -10.78 26.68
N MET B 469 8.50 -10.43 27.60
CA MET B 469 7.11 -10.84 27.54
C MET B 469 6.39 -10.25 26.32
N HIS B 470 6.54 -8.95 26.03
CA HIS B 470 5.83 -8.35 24.88
C HIS B 470 6.77 -8.00 23.65
N HIS B 471 7.67 -7.05 23.87
CA HIS B 471 8.86 -6.82 23.04
C HIS B 471 9.87 -5.95 23.82
N ALA B 472 11.08 -5.85 23.31
CA ALA B 472 12.19 -5.16 23.98
C ALA B 472 11.94 -3.66 24.23
N PHE B 473 11.07 -3.06 23.44
CA PHE B 473 10.82 -1.64 23.53
C PHE B 473 9.72 -1.28 24.51
N THR B 474 9.29 -2.26 25.29
CA THR B 474 8.21 -2.12 26.25
C THR B 474 8.71 -1.60 27.59
N ALA B 475 8.04 -0.57 28.09
CA ALA B 475 8.48 0.14 29.31
C ALA B 475 8.16 -0.58 30.56
N PRO B 476 9.06 -0.50 31.53
CA PRO B 476 8.65 -0.96 32.85
C PRO B 476 7.69 0.04 33.47
N LYS B 477 6.80 -0.47 34.28
CA LYS B 477 6.00 0.32 35.21
C LYS B 477 7.00 1.19 36.02
N PRO B 478 6.59 2.41 36.39
CA PRO B 478 7.47 3.32 37.20
C PRO B 478 8.21 2.65 38.41
N ASP B 479 7.49 1.89 39.23
CA ASP B 479 8.11 1.19 40.34
C ASP B 479 9.13 0.11 39.97
N SER B 480 9.06 -0.40 38.74
CA SER B 480 10.02 -1.41 38.29
C SER B 480 11.25 -0.79 37.62
N VAL B 481 11.26 0.53 37.39
CA VAL B 481 12.33 1.16 36.63
C VAL B 481 13.74 0.95 37.19
N ASP B 482 13.90 0.99 38.51
CA ASP B 482 15.24 0.82 39.06
C ASP B 482 15.73 -0.65 39.19
N THR B 483 14.82 -1.62 39.36
CA THR B 483 15.20 -3.01 39.65
C THR B 483 14.92 -4.07 38.54
N PHE B 484 14.35 -3.67 37.40
CA PHE B 484 13.97 -4.68 36.39
C PHE B 484 15.15 -5.50 35.88
N ASP B 485 16.33 -4.87 35.95
CA ASP B 485 17.66 -5.40 35.70
C ASP B 485 18.18 -6.46 36.66
N SER B 486 17.94 -6.22 37.94
CA SER B 486 18.55 -7.02 38.99
C SER B 486 17.54 -7.94 39.67
N ASP B 487 16.26 -7.72 39.42
CA ASP B 487 15.19 -8.59 39.91
C ASP B 487 14.13 -8.69 38.80
N PRO B 488 14.47 -9.40 37.71
CA PRO B 488 13.66 -9.49 36.49
C PRO B 488 12.34 -10.21 36.67
N GLY B 489 12.33 -11.23 37.53
CA GLY B 489 11.13 -11.98 37.80
C GLY B 489 10.01 -11.12 38.32
N ASN B 490 10.32 -10.26 39.30
CA ASN B 490 9.34 -9.36 39.91
C ASN B 490 9.05 -8.06 39.11
N ALA B 491 9.67 -7.83 37.94
CA ALA B 491 9.42 -6.60 37.21
C ALA B 491 8.09 -6.62 36.43
N LEU B 492 7.35 -5.50 36.55
CA LEU B 492 6.09 -5.33 35.88
C LEU B 492 6.23 -4.29 34.76
N SER B 493 5.40 -4.45 33.73
CA SER B 493 5.47 -3.65 32.51
C SER B 493 4.16 -2.92 32.28
N ASP B 494 4.17 -1.92 31.39
CA ASP B 494 2.95 -1.17 31.03
C ASP B 494 2.43 -1.68 29.67
N ALA B 495 2.30 -3.00 29.55
CA ALA B 495 1.73 -3.61 28.37
C ALA B 495 0.29 -3.98 28.64
N TYR B 496 -0.45 -4.26 27.55
CA TYR B 496 -1.88 -4.60 27.63
C TYR B 496 -2.26 -5.43 26.41
N ASP B 497 -3.03 -6.48 26.62
CA ASP B 497 -3.61 -7.25 25.54
C ASP B 497 -5.12 -7.18 25.56
N ILE B 498 -5.71 -7.34 24.39
CA ILE B 498 -7.16 -7.37 24.24
C ILE B 498 -7.55 -8.73 23.69
N VAL B 499 -8.44 -9.39 24.41
CA VAL B 499 -8.80 -10.76 24.14
C VAL B 499 -10.28 -10.80 23.82
N CYS B 500 -10.64 -11.63 22.86
CA CYS B 500 -12.05 -11.85 22.55
C CYS B 500 -12.24 -13.35 22.35
N ASN B 501 -13.17 -13.91 23.14
CA ASN B 501 -13.53 -15.35 23.10
C ASN B 501 -12.34 -16.31 23.12
N GLY B 502 -11.36 -16.02 23.98
CA GLY B 502 -10.16 -16.86 24.13
C GLY B 502 -9.11 -16.71 23.02
N ASN B 503 -9.26 -15.64 22.22
CA ASN B 503 -8.25 -15.24 21.27
C ASN B 503 -7.60 -13.92 21.65
N GLU B 504 -6.26 -13.86 21.58
CA GLU B 504 -5.59 -12.56 21.59
C GLU B 504 -5.91 -11.91 20.28
N ILE B 505 -6.53 -10.74 20.32
CA ILE B 505 -6.81 -10.01 19.09
C ILE B 505 -6.01 -8.68 18.97
N GLY B 506 -5.28 -8.30 20.02
CA GLY B 506 -4.39 -7.19 19.96
C GLY B 506 -3.52 -7.07 21.17
N GLY B 507 -2.49 -6.24 21.05
CA GLY B 507 -1.58 -5.97 22.16
C GLY B 507 -0.67 -4.78 21.87
N GLY B 508 -0.28 -4.08 22.93
CA GLY B 508 0.59 -2.96 22.84
C GLY B 508 1.22 -2.66 24.17
N SER B 509 1.92 -1.53 24.22
CA SER B 509 2.54 -1.07 25.45
C SER B 509 2.90 0.37 25.27
N ILE B 510 3.15 0.98 26.41
CA ILE B 510 3.78 2.27 26.46
C ILE B 510 5.26 1.97 26.20
N ARG B 511 5.95 2.81 25.42
CA ARG B 511 7.35 2.53 25.12
C ARG B 511 8.32 3.23 26.04
N ILE B 512 9.51 2.65 26.08
CA ILE B 512 10.77 3.27 26.44
C ILE B 512 11.20 4.35 25.46
N HIS B 513 11.64 5.50 25.97
CA HIS B 513 12.14 6.60 25.12
C HIS B 513 13.41 7.19 25.61
N ARG B 514 14.20 6.36 26.28
CA ARG B 514 15.53 6.74 26.75
C ARG B 514 16.54 5.67 26.43
N ARG B 515 17.72 6.06 26.00
CA ARG B 515 18.78 5.12 25.64
C ARG B 515 19.24 4.29 26.83
N ASP B 516 19.38 4.88 28.01
CA ASP B 516 19.98 4.09 29.11
C ASP B 516 19.06 2.95 29.52
N ILE B 517 17.77 3.22 29.57
CA ILE B 517 16.83 2.21 29.94
C ILE B 517 16.78 1.13 28.86
N GLN B 518 16.61 1.53 27.61
CA GLN B 518 16.55 0.58 26.51
C GLN B 518 17.78 -0.28 26.43
N GLU B 519 18.96 0.27 26.67
CA GLU B 519 20.18 -0.54 26.63
C GLU B 519 20.25 -1.53 27.78
N ARG B 520 19.64 -1.18 28.91
CA ARG B 520 19.67 -2.03 30.09
C ARG B 520 18.78 -3.23 29.81
N VAL B 521 17.66 -3.00 29.14
CA VAL B 521 16.85 -4.10 28.64
C VAL B 521 17.63 -5.03 27.71
N PHE B 522 18.34 -4.46 26.73
CA PHE B 522 19.12 -5.28 25.81
C PHE B 522 20.25 -6.07 26.49
N ALA B 523 20.85 -5.49 27.52
CA ALA B 523 22.08 -6.04 28.07
C ALA B 523 21.76 -7.32 28.75
N MET B 524 20.59 -7.38 29.35
CA MET B 524 20.23 -8.54 30.16
C MET B 524 19.68 -9.68 29.31
N MET B 525 19.38 -9.35 28.06
CA MET B 525 19.18 -10.33 27.02
C MET B 525 20.47 -10.56 26.24
N GLY B 526 21.62 -10.19 26.82
CA GLY B 526 22.92 -10.40 26.20
C GLY B 526 23.24 -9.56 24.98
N ILE B 527 22.55 -8.46 24.75
CA ILE B 527 22.96 -7.53 23.70
C ILE B 527 23.65 -6.31 24.32
N ASP B 528 24.97 -6.32 24.32
CA ASP B 528 25.71 -5.19 24.91
C ASP B 528 25.64 -3.91 24.06
N HIS B 529 26.26 -2.83 24.53
CA HIS B 529 26.10 -1.53 23.88
C HIS B 529 26.36 -1.61 22.37
N ASP B 530 27.48 -2.19 21.99
CA ASP B 530 27.90 -2.20 20.58
C ASP B 530 26.94 -2.90 19.64
N GLU B 531 26.48 -4.06 20.04
CA GLU B 531 25.50 -4.78 19.26
C GLU B 531 24.18 -4.03 19.24
N ALA B 532 23.79 -3.45 20.37
CA ALA B 532 22.55 -2.66 20.37
C ALA B 532 22.60 -1.47 19.40
N GLN B 533 23.75 -0.79 19.32
CA GLN B 533 23.96 0.34 18.43
C GLN B 533 24.02 -0.12 16.98
N GLU B 534 24.63 -1.27 16.73
CA GLU B 534 24.70 -1.83 15.37
C GLU B 534 23.34 -2.21 14.86
N LYS B 535 22.54 -2.87 15.69
CA LYS B 535 21.27 -3.41 15.23
C LYS B 535 20.13 -2.39 15.43
N PHE B 536 20.18 -1.54 16.43
CA PHE B 536 19.07 -0.57 16.70
C PHE B 536 19.48 0.90 16.86
N GLY B 537 20.69 1.25 16.39
CA GLY B 537 21.25 2.54 16.63
C GLY B 537 20.41 3.68 16.15
N PHE B 538 19.73 3.46 15.05
CA PHE B 538 18.95 4.54 14.47
C PHE B 538 17.81 4.89 15.42
N LEU B 539 17.33 3.95 16.20
CA LEU B 539 16.30 4.29 17.17
C LEU B 539 16.92 4.93 18.44
N LEU B 540 18.03 4.38 18.90
CA LEU B 540 18.62 4.81 20.12
C LEU B 540 19.13 6.23 19.98
N ASP B 541 19.76 6.53 18.82
CA ASP B 541 20.25 7.87 18.49
C ASP B 541 19.08 8.83 18.47
N ALA B 542 17.96 8.40 17.92
CA ALA B 542 16.80 9.26 17.90
C ALA B 542 16.38 9.70 19.29
N PHE B 543 16.56 8.85 20.30
CA PHE B 543 16.20 9.22 21.70
C PHE B 543 16.98 10.41 22.29
N SER B 544 18.04 10.84 21.63
CA SER B 544 18.77 12.04 21.99
C SER B 544 18.18 13.37 21.46
N TYR B 545 17.14 13.34 20.65
CA TYR B 545 16.62 14.57 20.06
C TYR B 545 15.19 14.88 20.46
N GLY B 546 14.94 14.93 21.76
CA GLY B 546 13.63 15.24 22.30
C GLY B 546 12.56 14.22 21.95
N ALA B 547 12.74 13.01 22.45
CA ALA B 547 11.74 11.97 22.25
C ALA B 547 10.61 12.11 23.25
N PRO B 548 9.34 12.01 22.80
CA PRO B 548 8.25 12.18 23.70
C PRO B 548 7.89 10.86 24.32
N PRO B 549 7.09 10.90 25.40
CA PRO B 549 6.47 9.65 25.84
C PRO B 549 5.59 9.20 24.71
N HIS B 550 5.42 7.90 24.54
CA HIS B 550 4.52 7.37 23.52
C HIS B 550 4.18 5.93 23.76
N GLY B 551 3.14 5.46 23.09
CA GLY B 551 2.79 4.05 23.12
C GLY B 551 1.69 3.75 22.13
N GLY B 552 1.39 2.47 22.00
CA GLY B 552 0.39 2.08 21.05
C GLY B 552 -0.01 0.64 21.13
N ILE B 553 -0.38 0.07 19.98
CA ILE B 553 -1.05 -1.19 19.94
C ILE B 553 -1.16 -1.63 18.50
N ALA B 554 -1.20 -2.95 18.31
CA ALA B 554 -1.57 -3.51 17.02
C ALA B 554 -2.59 -4.60 17.20
N PHE B 555 -3.56 -4.61 16.28
CA PHE B 555 -4.56 -5.65 16.28
C PHE B 555 -4.24 -6.63 15.17
N GLY B 556 -4.47 -7.91 15.49
CA GLY B 556 -4.42 -8.99 14.51
C GLY B 556 -5.66 -8.95 13.63
N TRP B 557 -5.57 -8.21 12.52
CA TRP B 557 -6.73 -7.90 11.72
C TRP B 557 -7.34 -9.15 11.03
N ASP B 558 -6.51 -10.13 10.68
CA ASP B 558 -7.00 -11.38 10.12
C ASP B 558 -7.85 -12.13 11.12
N ARG B 559 -7.39 -12.18 12.37
CA ARG B 559 -8.10 -12.87 13.42
C ARG B 559 -9.42 -12.17 13.74
N ILE B 560 -9.40 -10.86 13.85
CA ILE B 560 -10.62 -10.09 14.10
C ILE B 560 -11.67 -10.28 13.01
N THR B 561 -11.25 -10.19 11.74
CA THR B 561 -12.15 -10.38 10.61
C THR B 561 -12.67 -11.84 10.63
N ALA B 562 -11.80 -12.80 10.92
CA ALA B 562 -12.25 -14.18 10.96
C ALA B 562 -13.36 -14.37 12.00
N LEU B 563 -13.21 -13.72 13.16
CA LEU B 563 -14.23 -13.76 14.22
C LEU B 563 -15.56 -13.11 13.80
N LEU B 564 -15.50 -11.94 13.19
CA LEU B 564 -16.69 -11.26 12.72
C LEU B 564 -17.42 -12.08 11.66
N ALA B 565 -16.67 -12.85 10.89
CA ALA B 565 -17.23 -13.63 9.81
C ALA B 565 -17.78 -14.94 10.32
N GLY B 566 -17.41 -15.30 11.54
CA GLY B 566 -17.85 -16.56 12.12
C GLY B 566 -17.08 -17.78 11.63
N VAL B 567 -15.81 -17.63 11.28
CA VAL B 567 -15.00 -18.75 10.79
C VAL B 567 -13.79 -18.94 11.69
N ASP B 568 -13.21 -20.12 11.67
CA ASP B 568 -12.19 -20.49 12.64
C ASP B 568 -10.79 -20.29 12.18
N SER B 569 -10.61 -20.16 10.88
CA SER B 569 -9.30 -20.09 10.28
C SER B 569 -9.20 -18.77 9.49
N ILE B 570 -8.05 -18.10 9.60
CA ILE B 570 -7.83 -16.82 8.96
C ILE B 570 -7.70 -16.95 7.45
N ARG B 571 -7.38 -18.16 7.00
CA ARG B 571 -7.45 -18.47 5.57
C ARG B 571 -8.76 -18.13 4.90
N GLU B 572 -9.85 -18.12 5.65
CA GLU B 572 -11.14 -17.84 5.07
C GLU B 572 -11.40 -16.37 4.85
N VAL B 573 -10.55 -15.49 5.36
CA VAL B 573 -10.76 -14.04 5.21
C VAL B 573 -9.58 -13.37 4.56
N ILE B 574 -8.71 -14.19 3.98
CA ILE B 574 -7.62 -13.74 3.17
C ILE B 574 -7.89 -14.21 1.72
N ALA B 575 -7.73 -13.32 0.77
CA ALA B 575 -8.07 -13.62 -0.60
C ALA B 575 -7.28 -14.75 -1.14
N PHE B 576 -5.96 -14.70 -0.99
CA PHE B 576 -5.11 -15.78 -1.54
C PHE B 576 -4.07 -16.29 -0.55
N PRO B 577 -4.53 -17.09 0.39
CA PRO B 577 -3.68 -17.47 1.52
C PRO B 577 -2.83 -18.65 1.23
N LYS B 578 -1.76 -18.81 1.99
CA LYS B 578 -1.00 -20.06 1.96
C LYS B 578 -1.71 -21.16 2.78
N SER B 579 -1.27 -22.41 2.63
CA SER B 579 -1.86 -23.46 3.42
C SER B 579 -1.09 -23.74 4.73
N GLY B 580 -0.08 -24.60 4.66
CA GLY B 580 0.66 -25.08 5.83
C GLY B 580 2.11 -25.08 5.39
N GLY B 581 3.00 -24.58 6.24
CA GLY B 581 4.42 -24.49 5.92
C GLY B 581 4.75 -23.55 4.76
N GLY B 582 3.84 -22.58 4.51
CA GLY B 582 3.98 -21.69 3.38
C GLY B 582 3.76 -22.32 2.00
N VAL B 583 3.13 -23.50 1.93
CA VAL B 583 2.73 -24.07 0.61
C VAL B 583 1.67 -23.17 0.01
N ASP B 584 1.85 -22.84 -1.27
CA ASP B 584 0.88 -22.05 -2.02
C ASP B 584 0.32 -22.84 -3.16
N PRO B 585 -0.81 -23.55 -2.96
CA PRO B 585 -1.33 -24.41 -4.06
C PRO B 585 -1.82 -23.62 -5.26
N LEU B 586 -2.11 -22.33 -5.09
CA LEU B 586 -2.55 -21.51 -6.20
C LEU B 586 -1.45 -21.27 -7.22
N THR B 587 -0.27 -20.83 -6.79
CA THR B 587 0.78 -20.47 -7.75
C THR B 587 2.00 -21.35 -7.67
N ASP B 588 2.01 -22.28 -6.72
CA ASP B 588 3.15 -23.13 -6.46
C ASP B 588 4.41 -22.45 -5.95
N ALA B 589 4.27 -21.21 -5.50
CA ALA B 589 5.36 -20.59 -4.79
C ALA B 589 5.58 -21.31 -3.47
N PRO B 590 6.81 -21.35 -2.96
CA PRO B 590 8.05 -20.79 -3.51
C PRO B 590 8.65 -21.74 -4.53
N ALA B 591 9.43 -21.25 -5.48
CA ALA B 591 9.98 -22.05 -6.58
C ALA B 591 11.47 -21.78 -6.75
N PRO B 592 12.21 -22.69 -7.38
CA PRO B 592 13.64 -22.43 -7.61
C PRO B 592 13.83 -21.44 -8.74
N ILE B 593 15.07 -21.05 -8.98
CA ILE B 593 15.39 -20.01 -9.94
C ILE B 593 16.54 -20.51 -10.80
N THR B 594 16.79 -19.84 -11.93
CA THR B 594 17.89 -20.23 -12.82
C THR B 594 19.23 -19.99 -12.18
N PRO B 595 20.26 -20.76 -12.57
CA PRO B 595 21.63 -20.37 -12.23
C PRO B 595 21.98 -18.93 -12.64
N GLN B 596 21.53 -18.50 -13.82
CA GLN B 596 21.69 -17.12 -14.30
C GLN B 596 21.08 -16.13 -13.36
N GLN B 597 19.86 -16.38 -12.98
CA GLN B 597 19.13 -15.54 -12.05
C GLN B 597 19.78 -15.49 -10.66
N ARG B 598 20.33 -16.62 -10.22
CA ARG B 598 21.07 -16.69 -8.95
C ARG B 598 22.39 -15.88 -9.00
N LYS B 599 23.11 -15.94 -10.12
CA LYS B 599 24.37 -15.17 -10.27
C LYS B 599 24.03 -13.67 -10.18
N GLU B 600 23.08 -13.21 -10.98
CA GLU B 600 22.61 -11.81 -10.96
C GLU B 600 22.04 -11.41 -9.61
N SER B 601 21.45 -12.34 -8.87
CA SER B 601 20.94 -12.05 -7.50
C SER B 601 21.96 -11.32 -6.66
N GLY B 602 23.25 -11.57 -6.91
CA GLY B 602 24.30 -11.01 -6.09
C GLY B 602 24.46 -11.84 -4.82
N ILE B 603 23.54 -12.75 -4.60
CA ILE B 603 23.68 -13.79 -3.61
C ILE B 603 24.89 -14.64 -4.03
N ASP B 604 25.53 -15.29 -3.06
CA ASP B 604 26.77 -16.11 -3.33
C ASP B 604 28.02 -15.26 -3.70
#